data_4XGR
#
_entry.id   4XGR
#
_cell.length_a   96.310
_cell.length_b   96.310
_cell.length_c   233.033
_cell.angle_alpha   90.00
_cell.angle_beta   90.00
_cell.angle_gamma   120.00
#
_symmetry.space_group_name_H-M   'P 31 2 1'
#
loop_
_entity.id
_entity.type
_entity.pdbx_description
1 polymer 'Ribonuclease VapC30'
2 polymer 'Antitoxin VapB30'
3 non-polymer 'MAGNESIUM ION'
4 water water
#
loop_
_entity_poly.entity_id
_entity_poly.type
_entity_poly.pdbx_seq_one_letter_code
_entity_poly.pdbx_strand_id
1 'polypeptide(L)'
;(MSE)(MSE)VIDTSALVA(MSE)LSDEPDAERFEAAVEADHIRL(MSE)STASYLETALVIEARFGEPGGRELDLWLHR
AAVDLVAVHADQADAARAAYRTYGKGRHRAGLNYGDCFSYGLAKISGQPLLFKGEDFQHTDIATVALP
;
A,G,E,C
2 'polypeptide(L)'
;(MSE)ALSIKHPEADRLARALAARTGETLTEAVVTALRERLARETGRARVVPLRDELAAIRHRCAALPVVDNRSAEAILG
YDERGLPA
;
B,H,F,D
#
loop_
_chem_comp.id
_chem_comp.type
_chem_comp.name
_chem_comp.formula
MG non-polymer 'MAGNESIUM ION' 'Mg 2'
#
# COMPACT_ATOMS: atom_id res chain seq x y z
N MSE A 1 -6.23 -9.60 3.49
CA MSE A 1 -5.07 -9.04 2.72
C MSE A 1 -4.39 -10.09 1.91
O MSE A 1 -4.50 -11.27 2.20
CB MSE A 1 -4.02 -8.43 3.63
CG MSE A 1 -4.53 -7.36 4.60
SE MSE A 1 -2.99 -6.61 5.58
CE MSE A 1 -2.18 -5.59 4.10
N MSE A 2 -3.68 -9.66 0.86
CA MSE A 2 -2.99 -10.56 -0.06
C MSE A 2 -1.67 -9.98 -0.40
O MSE A 2 -1.39 -8.83 -0.10
CB MSE A 2 -3.60 -10.64 -1.47
CG MSE A 2 -5.10 -10.51 -1.60
SE MSE A 2 -5.47 -10.51 -3.54
CE MSE A 2 -5.08 -12.38 -3.98
N VAL A 3 -0.87 -10.77 -1.11
CA VAL A 3 0.28 -10.31 -1.80
C VAL A 3 0.14 -10.95 -3.14
N ILE A 4 0.58 -10.27 -4.19
CA ILE A 4 0.49 -10.80 -5.54
C ILE A 4 1.89 -11.01 -6.14
N ASP A 5 2.02 -12.05 -6.94
CA ASP A 5 3.27 -12.34 -7.63
C ASP A 5 3.11 -12.04 -9.10
N THR A 6 4.19 -11.56 -9.70
CA THR A 6 4.31 -11.38 -11.15
C THR A 6 3.71 -12.48 -11.99
N SER A 7 3.90 -13.73 -11.56
CA SER A 7 3.29 -14.85 -12.26
C SER A 7 1.81 -14.59 -12.43
N ALA A 8 1.13 -14.15 -11.38
CA ALA A 8 -0.28 -13.74 -11.47
C ALA A 8 -0.54 -12.54 -12.41
N LEU A 9 0.00 -11.37 -12.09
CA LEU A 9 -0.23 -10.17 -12.95
C LEU A 9 -0.02 -10.45 -14.43
N VAL A 10 1.08 -11.13 -14.75
CA VAL A 10 1.41 -11.44 -16.15
C VAL A 10 0.39 -12.42 -16.74
N ALA A 11 -0.10 -13.33 -15.92
CA ALA A 11 -1.18 -14.21 -16.32
C ALA A 11 -2.41 -13.39 -16.71
N MSE A 12 -2.72 -12.41 -15.89
CA MSE A 12 -3.91 -11.60 -16.10
C MSE A 12 -3.71 -10.69 -17.30
O MSE A 12 -4.51 -10.73 -18.22
CB MSE A 12 -4.30 -10.86 -14.83
CG MSE A 12 -5.41 -11.58 -14.09
SE MSE A 12 -5.27 -10.85 -12.26
CE MSE A 12 -6.77 -9.73 -11.92
N LEU A 13 -2.63 -9.91 -17.31
CA LEU A 13 -2.34 -8.99 -18.42
C LEU A 13 -2.13 -9.66 -19.79
N SER A 14 -1.70 -10.93 -19.83
CA SER A 14 -1.56 -11.66 -21.10
C SER A 14 -2.78 -12.51 -21.50
N ASP A 15 -3.94 -12.31 -20.85
CA ASP A 15 -5.12 -13.16 -21.08
C ASP A 15 -4.74 -14.64 -21.15
N GLU A 16 -4.21 -15.16 -20.03
CA GLU A 16 -3.91 -16.59 -19.91
C GLU A 16 -5.17 -17.34 -19.48
N PRO A 17 -5.28 -18.65 -19.83
CA PRO A 17 -6.48 -19.49 -19.60
C PRO A 17 -7.21 -19.32 -18.25
N ASP A 18 -6.43 -19.19 -17.17
CA ASP A 18 -7.00 -19.03 -15.83
C ASP A 18 -7.50 -17.62 -15.52
N ALA A 19 -7.10 -16.63 -16.34
CA ALA A 19 -7.05 -15.22 -15.92
C ALA A 19 -8.24 -14.75 -15.11
N GLU A 20 -9.43 -15.13 -15.57
CA GLU A 20 -10.71 -14.79 -14.92
C GLU A 20 -10.69 -15.19 -13.45
N ARG A 21 -10.22 -16.39 -13.15
CA ARG A 21 -10.20 -16.87 -11.75
C ARG A 21 -9.36 -16.00 -10.82
N PHE A 22 -8.28 -15.43 -11.33
CA PHE A 22 -7.45 -14.52 -10.52
C PHE A 22 -8.17 -13.20 -10.22
N GLU A 23 -8.90 -12.69 -11.24
CA GLU A 23 -9.72 -11.46 -11.11
C GLU A 23 -10.68 -11.64 -9.99
N ALA A 24 -11.40 -12.74 -10.02
CA ALA A 24 -12.35 -13.07 -8.95
C ALA A 24 -11.67 -13.04 -7.57
N ALA A 25 -10.48 -13.64 -7.46
CA ALA A 25 -9.69 -13.60 -6.18
C ALA A 25 -9.18 -12.19 -5.79
N VAL A 26 -8.69 -11.43 -6.77
CA VAL A 26 -8.29 -10.05 -6.52
C VAL A 26 -9.49 -9.25 -6.05
N GLU A 27 -10.61 -9.37 -6.77
CA GLU A 27 -11.90 -8.74 -6.40
C GLU A 27 -12.38 -9.10 -4.98
N ALA A 28 -12.21 -10.36 -4.57
CA ALA A 28 -12.66 -10.82 -3.24
C ALA A 28 -11.87 -10.27 -2.05
N ASP A 29 -10.58 -9.94 -2.24
CA ASP A 29 -9.73 -9.36 -1.17
C ASP A 29 -9.42 -7.88 -1.48
N HIS A 30 -9.95 -6.97 -0.67
CA HIS A 30 -9.85 -5.53 -0.94
C HIS A 30 -8.54 -4.87 -0.47
N ILE A 31 -7.63 -5.64 0.13
CA ILE A 31 -6.33 -5.13 0.51
C ILE A 31 -5.24 -5.98 -0.12
N ARG A 32 -4.34 -5.31 -0.83
CA ARG A 32 -3.44 -5.95 -1.79
C ARG A 32 -2.05 -5.33 -1.69
N LEU A 33 -1.02 -6.17 -1.75
CA LEU A 33 0.36 -5.74 -1.68
C LEU A 33 1.17 -6.31 -2.83
N MSE A 34 2.26 -5.64 -3.18
CA MSE A 34 3.25 -6.19 -4.12
C MSE A 34 4.59 -5.65 -3.76
O MSE A 34 4.72 -4.48 -3.47
CB MSE A 34 2.87 -5.80 -5.55
CG MSE A 34 3.36 -6.84 -6.54
SE MSE A 34 2.77 -6.40 -8.38
CE MSE A 34 3.11 -8.19 -9.16
N SER A 35 5.62 -6.48 -3.82
CA SER A 35 6.98 -5.99 -3.69
C SER A 35 7.34 -5.22 -4.93
N THR A 36 8.18 -4.20 -4.74
CA THR A 36 8.61 -3.31 -5.81
C THR A 36 9.47 -4.03 -6.83
N ALA A 37 10.02 -5.17 -6.45
CA ALA A 37 10.83 -6.02 -7.32
C ALA A 37 9.97 -7.01 -8.13
N SER A 38 8.83 -7.40 -7.56
CA SER A 38 7.83 -8.15 -8.30
C SER A 38 7.02 -7.23 -9.25
N TYR A 39 6.71 -6.00 -8.81
CA TYR A 39 6.22 -4.93 -9.72
C TYR A 39 7.19 -4.61 -10.87
N LEU A 40 8.46 -4.41 -10.51
CA LEU A 40 9.53 -4.18 -11.47
C LEU A 40 9.64 -5.34 -12.43
N GLU A 41 9.53 -6.59 -11.95
CA GLU A 41 9.73 -7.76 -12.83
C GLU A 41 8.64 -7.84 -13.90
N THR A 42 7.38 -7.81 -13.48
CA THR A 42 6.23 -7.70 -14.40
C THR A 42 6.47 -6.61 -15.44
N ALA A 43 6.78 -5.40 -14.98
CA ALA A 43 7.01 -4.27 -15.87
C ALA A 43 7.89 -4.64 -17.03
N LEU A 44 9.03 -5.27 -16.74
CA LEU A 44 9.99 -5.62 -17.79
C LEU A 44 9.42 -6.65 -18.75
N VAL A 45 8.67 -7.62 -18.22
CA VAL A 45 8.11 -8.71 -19.01
C VAL A 45 6.95 -8.19 -19.86
N ILE A 46 6.13 -7.30 -19.30
CA ILE A 46 5.00 -6.70 -20.01
C ILE A 46 5.53 -5.74 -21.06
N GLU A 47 6.33 -4.75 -20.63
CA GLU A 47 6.82 -3.70 -21.54
C GLU A 47 7.62 -4.25 -22.68
N ALA A 48 8.41 -5.29 -22.42
CA ALA A 48 9.09 -5.99 -23.49
C ALA A 48 8.09 -6.59 -24.44
N ARG A 49 7.09 -7.28 -23.91
CA ARG A 49 6.17 -8.05 -24.76
C ARG A 49 5.24 -7.15 -25.61
N PHE A 50 4.64 -6.16 -24.99
CA PHE A 50 3.61 -5.30 -25.60
C PHE A 50 4.03 -3.84 -25.82
N GLY A 51 5.29 -3.50 -25.58
CA GLY A 51 5.71 -2.10 -25.58
C GLY A 51 5.20 -1.34 -24.37
N GLU A 52 5.50 -0.04 -24.32
CA GLU A 52 5.03 0.84 -23.27
C GLU A 52 3.51 1.03 -23.20
N PRO A 53 2.78 0.75 -24.31
CA PRO A 53 1.33 0.66 -24.12
C PRO A 53 0.91 -0.49 -23.21
N GLY A 54 1.72 -1.54 -23.15
CA GLY A 54 1.56 -2.58 -22.13
C GLY A 54 1.81 -2.01 -20.75
N GLY A 55 2.95 -1.32 -20.60
CA GLY A 55 3.30 -0.62 -19.37
C GLY A 55 2.18 0.26 -18.88
N ARG A 56 1.58 0.99 -19.81
CA ARG A 56 0.41 1.83 -19.52
C ARG A 56 -0.70 1.00 -18.91
N GLU A 57 -1.03 -0.12 -19.55
CA GLU A 57 -2.06 -1.02 -18.99
C GLU A 57 -1.68 -1.63 -17.64
N LEU A 58 -0.39 -1.85 -17.41
CA LEU A 58 0.09 -2.29 -16.08
C LEU A 58 -0.20 -1.22 -15.06
N ASP A 59 0.27 -0.01 -15.33
CA ASP A 59 0.08 1.10 -14.40
C ASP A 59 -1.39 1.36 -14.07
N LEU A 60 -2.27 1.14 -15.05
CA LEU A 60 -3.73 1.33 -14.89
C LEU A 60 -4.38 0.23 -14.06
N TRP A 61 -3.92 -1.01 -14.26
CA TRP A 61 -4.37 -2.16 -13.46
C TRP A 61 -3.98 -1.92 -12.02
N LEU A 62 -2.71 -1.60 -11.80
CA LEU A 62 -2.25 -1.29 -10.44
C LEU A 62 -3.07 -0.17 -9.80
N HIS A 63 -3.36 0.89 -10.57
CA HIS A 63 -4.08 2.02 -9.99
C HIS A 63 -5.48 1.63 -9.55
N ARG A 64 -6.21 0.88 -10.37
CA ARG A 64 -7.60 0.51 -10.02
C ARG A 64 -7.71 -0.50 -8.88
N ALA A 65 -6.83 -1.48 -8.85
CA ALA A 65 -6.76 -2.40 -7.73
C ALA A 65 -6.16 -1.77 -6.48
N ALA A 66 -5.67 -0.53 -6.55
CA ALA A 66 -5.14 0.13 -5.36
C ALA A 66 -4.02 -0.71 -4.67
N VAL A 67 -3.14 -1.29 -5.48
CA VAL A 67 -2.14 -2.21 -5.00
C VAL A 67 -1.03 -1.43 -4.29
N ASP A 68 -0.65 -1.91 -3.10
CA ASP A 68 0.41 -1.35 -2.28
C ASP A 68 1.76 -1.88 -2.77
N LEU A 69 2.59 -0.99 -3.30
CA LEU A 69 3.96 -1.40 -3.65
C LEU A 69 4.86 -1.26 -2.41
N VAL A 70 5.30 -2.39 -1.86
CA VAL A 70 6.06 -2.43 -0.61
C VAL A 70 7.58 -2.56 -0.80
N ALA A 71 8.31 -1.51 -0.41
CA ALA A 71 9.78 -1.56 -0.36
C ALA A 71 10.34 -2.93 0.13
N VAL A 72 11.43 -3.34 -0.49
CA VAL A 72 12.08 -4.63 -0.21
C VAL A 72 13.10 -4.41 0.93
N HIS A 73 12.61 -4.36 2.16
CA HIS A 73 13.48 -4.12 3.32
C HIS A 73 14.42 -5.32 3.64
N ALA A 74 15.40 -5.07 4.52
CA ALA A 74 16.42 -6.07 4.86
C ALA A 74 15.82 -7.37 5.40
N ASP A 75 14.86 -7.21 6.31
CA ASP A 75 14.18 -8.35 6.92
C ASP A 75 13.60 -9.36 5.89
N GLN A 76 13.04 -8.85 4.79
CA GLN A 76 12.41 -9.70 3.77
C GLN A 76 13.50 -10.47 3.01
N ALA A 77 14.50 -9.74 2.53
CA ALA A 77 15.69 -10.36 1.93
C ALA A 77 16.25 -11.51 2.79
N ASP A 78 16.36 -11.31 4.11
CA ASP A 78 16.84 -12.42 4.98
C ASP A 78 15.95 -13.64 4.89
N ALA A 79 14.65 -13.47 5.17
CA ALA A 79 13.69 -14.58 5.10
C ALA A 79 13.77 -15.30 3.75
N ALA A 80 13.69 -14.51 2.68
CA ALA A 80 13.94 -15.00 1.32
C ALA A 80 15.24 -15.81 1.15
N ARG A 81 16.34 -15.24 1.64
CA ARG A 81 17.67 -15.85 1.59
C ARG A 81 17.66 -17.20 2.32
N ALA A 82 17.08 -17.19 3.52
CA ALA A 82 16.99 -18.39 4.36
C ALA A 82 16.15 -19.46 3.68
N ALA A 83 14.91 -19.10 3.33
CA ALA A 83 14.01 -19.98 2.59
C ALA A 83 14.66 -20.67 1.41
N TYR A 84 15.29 -19.92 0.56
CA TYR A 84 15.89 -20.49 -0.63
C TYR A 84 16.81 -21.69 -0.38
N ARG A 85 17.58 -21.68 0.69
CA ARG A 85 18.31 -22.89 1.12
C ARG A 85 17.39 -24.13 1.10
N THR A 86 16.18 -23.94 1.63
CA THR A 86 15.18 -24.99 1.74
C THR A 86 14.36 -25.20 0.44
N TYR A 87 13.97 -24.12 -0.22
CA TYR A 87 12.97 -24.20 -1.30
C TYR A 87 13.44 -23.73 -2.67
N GLY A 88 14.73 -23.41 -2.82
CA GLY A 88 15.28 -22.98 -4.09
C GLY A 88 15.58 -24.15 -5.00
N LYS A 89 16.28 -23.86 -6.10
CA LYS A 89 16.61 -24.86 -7.12
C LYS A 89 18.03 -24.64 -7.65
N ALA A 94 13.31 -27.43 -8.62
CA ALA A 94 12.05 -27.80 -7.99
C ALA A 94 11.62 -26.77 -6.90
N GLY A 95 11.44 -25.50 -7.27
CA GLY A 95 11.11 -24.47 -6.28
C GLY A 95 11.19 -23.01 -6.71
N LEU A 96 11.78 -22.17 -5.86
CA LEU A 96 11.89 -20.71 -6.11
C LEU A 96 13.04 -20.34 -7.04
N ASN A 97 12.87 -19.25 -7.80
CA ASN A 97 14.01 -18.56 -8.47
C ASN A 97 14.29 -17.24 -7.74
N TYR A 98 15.38 -16.58 -8.12
CA TYR A 98 15.75 -15.28 -7.51
C TYR A 98 14.58 -14.31 -7.45
N GLY A 99 13.80 -14.23 -8.53
CA GLY A 99 12.66 -13.31 -8.66
C GLY A 99 11.53 -13.61 -7.72
N ASP A 100 11.16 -14.88 -7.64
CA ASP A 100 10.17 -15.33 -6.63
C ASP A 100 10.54 -14.95 -5.20
N CYS A 101 11.83 -14.83 -4.89
CA CYS A 101 12.26 -14.44 -3.53
C CYS A 101 11.65 -13.14 -2.97
N PHE A 102 11.26 -12.25 -3.84
CA PHE A 102 10.75 -10.93 -3.44
C PHE A 102 9.30 -10.99 -2.95
N SER A 103 8.45 -11.61 -3.76
CA SER A 103 7.08 -11.92 -3.34
C SER A 103 7.10 -12.88 -2.15
N TYR A 104 8.02 -13.82 -2.18
CA TYR A 104 8.23 -14.71 -1.06
C TYR A 104 8.55 -13.94 0.21
N GLY A 105 9.45 -12.96 0.13
CA GLY A 105 9.91 -12.23 1.30
C GLY A 105 8.79 -11.42 1.95
N LEU A 106 8.06 -10.68 1.11
CA LEU A 106 6.91 -9.86 1.52
C LEU A 106 5.82 -10.69 2.20
N ALA A 107 5.46 -11.85 1.60
CA ALA A 107 4.45 -12.73 2.23
C ALA A 107 4.83 -13.15 3.66
N LYS A 108 6.07 -13.59 3.87
CA LYS A 108 6.50 -14.03 5.22
C LYS A 108 6.63 -12.91 6.24
N ILE A 109 7.17 -11.75 5.86
CA ILE A 109 7.25 -10.62 6.81
C ILE A 109 5.86 -10.01 7.08
N SER A 110 5.03 -9.97 6.05
CA SER A 110 3.63 -9.57 6.17
C SER A 110 2.79 -10.63 6.91
N GLY A 111 3.15 -11.89 6.70
CA GLY A 111 2.34 -13.02 7.14
C GLY A 111 1.09 -13.21 6.28
N GLN A 112 1.07 -12.63 5.07
CA GLN A 112 -0.10 -12.64 4.20
C GLN A 112 0.00 -13.63 3.07
N PRO A 113 -1.14 -14.18 2.61
CA PRO A 113 -1.09 -15.25 1.61
C PRO A 113 -0.74 -14.75 0.21
N LEU A 114 -0.10 -15.60 -0.59
CA LEU A 114 0.51 -15.23 -1.89
C LEU A 114 -0.24 -15.77 -3.10
N LEU A 115 -0.63 -14.88 -4.01
CA LEU A 115 -1.41 -15.23 -5.19
C LEU A 115 -0.41 -15.37 -6.34
N PHE A 116 -0.33 -16.57 -6.86
CA PHE A 116 0.65 -16.92 -7.88
C PHE A 116 0.04 -17.96 -8.79
N LYS A 117 0.75 -18.33 -9.84
CA LYS A 117 0.38 -19.44 -10.69
C LYS A 117 1.60 -20.13 -11.28
N GLY A 118 1.53 -21.43 -11.30
CA GLY A 118 2.65 -22.22 -11.63
C GLY A 118 3.07 -23.01 -10.46
N GLU A 119 4.24 -23.56 -10.61
CA GLU A 119 4.81 -24.51 -9.69
C GLU A 119 5.67 -23.92 -8.60
N ASP A 120 6.31 -22.82 -8.86
CA ASP A 120 7.42 -22.36 -8.02
C ASP A 120 7.08 -22.18 -6.53
N PHE A 121 5.86 -21.71 -6.21
CA PHE A 121 5.43 -21.56 -4.79
C PHE A 121 4.51 -22.68 -4.26
N GLN A 122 4.59 -23.90 -4.83
CA GLN A 122 3.68 -24.99 -4.44
C GLN A 122 3.94 -25.59 -3.04
N HIS A 123 5.21 -25.67 -2.65
CA HIS A 123 5.58 -26.46 -1.46
C HIS A 123 6.55 -25.71 -0.54
N THR A 124 5.96 -24.84 0.28
CA THR A 124 6.68 -23.76 0.91
C THR A 124 5.94 -23.42 2.21
N ASP A 125 6.61 -22.76 3.16
CA ASP A 125 6.00 -22.45 4.49
C ASP A 125 5.19 -21.13 4.57
N ILE A 126 4.59 -20.70 3.47
CA ILE A 126 3.75 -19.50 3.41
C ILE A 126 2.41 -19.89 2.84
N ALA A 127 1.35 -19.26 3.32
CA ALA A 127 -0.02 -19.62 2.90
C ALA A 127 -0.26 -19.15 1.46
N THR A 128 -1.26 -19.71 0.80
CA THR A 128 -1.59 -19.29 -0.56
C THR A 128 -3.05 -18.87 -0.63
N VAL A 129 -3.32 -17.88 -1.46
CA VAL A 129 -4.69 -17.53 -1.79
C VAL A 129 -5.11 -18.58 -2.81
N ALA A 130 -6.15 -19.34 -2.48
CA ALA A 130 -6.70 -20.33 -3.43
C ALA A 130 -7.64 -19.62 -4.40
N LEU A 131 -7.85 -20.23 -5.55
CA LEU A 131 -8.75 -19.70 -6.55
C LEU A 131 -10.20 -20.04 -6.17
N PRO A 132 -11.17 -19.24 -6.64
CA PRO A 132 -12.57 -19.62 -6.54
C PRO A 132 -13.10 -20.19 -7.87
N MSE B 1 -28.78 9.17 -11.96
CA MSE B 1 -28.00 8.67 -10.78
C MSE B 1 -28.14 9.57 -9.58
O MSE B 1 -28.34 10.77 -9.70
CB MSE B 1 -26.51 8.59 -11.10
CG MSE B 1 -25.80 7.41 -10.43
SE MSE B 1 -24.49 6.55 -11.64
CE MSE B 1 -25.63 6.23 -13.22
N MSE B 2 -27.97 8.98 -8.40
CA MSE B 2 -28.10 9.73 -7.16
C MSE B 2 -27.13 9.21 -6.13
O MSE B 2 -26.95 8.00 -5.98
CB MSE B 2 -29.52 9.44 -6.73
CG MSE B 2 -29.91 9.99 -5.36
SE MSE B 2 -31.61 9.10 -4.91
CE MSE B 2 -32.33 10.57 -3.85
N VAL B 3 -26.52 10.14 -5.39
CA VAL B 3 -25.77 9.78 -4.19
C VAL B 3 -26.62 10.24 -3.04
N ILE B 4 -26.79 9.36 -2.05
CA ILE B 4 -27.67 9.59 -0.92
C ILE B 4 -26.85 9.98 0.30
N ASP B 5 -27.23 11.08 0.94
CA ASP B 5 -26.59 11.54 2.16
C ASP B 5 -27.27 10.94 3.37
N THR B 6 -26.54 10.90 4.47
CA THR B 6 -27.07 10.66 5.82
C THR B 6 -28.34 11.45 6.15
N SER B 7 -28.22 12.78 6.24
CA SER B 7 -29.29 13.66 6.72
C SER B 7 -30.66 13.32 6.17
N ALA B 8 -30.68 12.81 4.96
CA ALA B 8 -31.91 12.42 4.36
C ALA B 8 -32.37 11.01 4.71
N LEU B 9 -31.59 10.00 4.42
CA LEU B 9 -31.98 8.62 4.77
C LEU B 9 -32.42 8.48 6.22
N VAL B 10 -31.71 9.17 7.09
CA VAL B 10 -32.07 9.26 8.49
C VAL B 10 -33.46 9.87 8.58
N ALA B 11 -33.60 11.09 8.07
CA ALA B 11 -34.86 11.83 8.14
C ALA B 11 -36.02 11.02 7.56
N MSE B 12 -35.74 10.24 6.53
CA MSE B 12 -36.69 9.28 5.93
C MSE B 12 -37.06 8.07 6.78
O MSE B 12 -38.18 7.57 6.69
CB MSE B 12 -36.10 8.71 4.65
CG MSE B 12 -36.30 9.57 3.42
SE MSE B 12 -35.82 8.32 1.98
CE MSE B 12 -36.28 9.15 0.33
N LEU B 13 -36.11 7.49 7.48
CA LEU B 13 -36.39 6.47 8.47
C LEU B 13 -37.05 6.94 9.72
N SER B 14 -36.58 8.07 10.22
CA SER B 14 -37.17 8.72 11.42
C SER B 14 -38.53 9.39 11.19
N ASP B 15 -39.06 9.36 9.96
CA ASP B 15 -40.32 10.01 9.60
C ASP B 15 -40.31 11.52 9.96
N GLU B 16 -39.21 12.20 9.61
CA GLU B 16 -39.10 13.66 9.77
C GLU B 16 -39.95 14.39 8.71
N PRO B 17 -40.08 15.74 8.84
CA PRO B 17 -40.68 16.57 7.78
C PRO B 17 -39.96 16.46 6.42
N ASP B 18 -40.75 16.47 5.35
CA ASP B 18 -40.32 16.30 3.94
C ASP B 18 -40.15 14.83 3.50
N ALA B 19 -40.29 13.87 4.42
CA ALA B 19 -39.92 12.46 4.17
C ALA B 19 -40.61 11.83 2.97
N GLU B 20 -41.87 12.19 2.77
CA GLU B 20 -42.69 11.63 1.69
C GLU B 20 -42.10 12.00 0.33
N ARG B 21 -41.56 13.22 0.25
CA ARG B 21 -41.03 13.78 -0.99
C ARG B 21 -39.71 13.11 -1.37
N PHE B 22 -38.76 13.01 -0.42
CA PHE B 22 -37.46 12.35 -0.67
C PHE B 22 -37.67 10.92 -1.23
N GLU B 23 -38.72 10.24 -0.74
CA GLU B 23 -39.11 8.89 -1.20
C GLU B 23 -39.47 8.92 -2.66
N ALA B 24 -40.27 9.93 -3.03
CA ALA B 24 -40.57 10.18 -4.44
C ALA B 24 -39.27 10.36 -5.26
N ALA B 25 -38.34 11.18 -4.75
CA ALA B 25 -37.06 11.45 -5.43
C ALA B 25 -36.24 10.17 -5.70
N VAL B 26 -36.18 9.30 -4.70
CA VAL B 26 -35.40 8.05 -4.80
C VAL B 26 -35.98 7.12 -5.87
N GLU B 27 -37.28 6.85 -5.81
CA GLU B 27 -37.94 5.96 -6.79
C GLU B 27 -37.76 6.39 -8.25
N ALA B 28 -37.60 7.67 -8.47
CA ALA B 28 -37.32 8.19 -9.79
C ALA B 28 -36.02 7.79 -10.35
N ASP B 29 -35.05 7.78 -9.50
CA ASP B 29 -33.68 7.46 -9.87
C ASP B 29 -33.42 5.97 -9.70
N HIS B 30 -33.38 5.26 -10.83
CA HIS B 30 -33.10 3.81 -10.86
C HIS B 30 -31.73 3.45 -10.24
N ILE B 31 -30.75 4.35 -10.33
CA ILE B 31 -29.41 4.09 -9.82
C ILE B 31 -29.17 4.97 -8.60
N ARG B 32 -28.70 4.34 -7.52
CA ARG B 32 -28.67 4.95 -6.20
C ARG B 32 -27.36 4.55 -5.47
N LEU B 33 -26.60 5.56 -5.06
CA LEU B 33 -25.31 5.33 -4.43
C LEU B 33 -25.30 5.91 -3.01
N MSE B 34 -24.47 5.32 -2.15
CA MSE B 34 -24.23 5.86 -0.80
C MSE B 34 -22.83 5.50 -0.53
O MSE B 34 -22.40 4.41 -0.92
CB MSE B 34 -25.14 5.24 0.25
CG MSE B 34 -24.99 5.91 1.62
SE MSE B 34 -26.63 5.60 2.71
CE MSE B 34 -26.89 7.36 3.52
N SER B 35 -22.07 6.38 0.09
CA SER B 35 -20.72 6.05 0.51
C SER B 35 -20.79 5.24 1.79
N THR B 36 -19.88 4.34 1.97
CA THR B 36 -19.83 3.59 3.18
C THR B 36 -19.72 4.43 4.43
N ALA B 37 -18.88 5.43 4.47
CA ALA B 37 -18.76 6.31 5.64
C ALA B 37 -20.06 7.06 6.01
N SER B 38 -20.90 7.33 5.01
CA SER B 38 -22.20 7.95 5.25
C SER B 38 -23.15 6.87 5.75
N TYR B 39 -23.21 5.75 5.03
CA TYR B 39 -23.84 4.54 5.56
C TYR B 39 -23.56 4.40 7.06
N LEU B 40 -22.28 4.24 7.40
CA LEU B 40 -21.83 4.14 8.79
C LEU B 40 -22.53 5.17 9.68
N GLU B 41 -22.44 6.45 9.31
CA GLU B 41 -22.93 7.57 10.15
C GLU B 41 -24.41 7.39 10.50
N THR B 42 -25.16 7.04 9.48
CA THR B 42 -26.59 6.77 9.55
C THR B 42 -26.91 5.57 10.43
N ALA B 43 -26.08 4.53 10.35
CA ALA B 43 -26.26 3.35 11.18
C ALA B 43 -25.90 3.62 12.63
N LEU B 44 -25.11 4.64 12.93
CA LEU B 44 -24.83 4.98 14.34
C LEU B 44 -25.89 5.87 14.96
N VAL B 45 -26.52 6.73 14.15
CA VAL B 45 -27.53 7.63 14.67
C VAL B 45 -28.80 6.81 14.83
N ILE B 46 -29.26 6.12 13.78
CA ILE B 46 -30.45 5.28 13.86
C ILE B 46 -30.29 4.15 14.87
N GLU B 47 -29.23 3.36 14.72
CA GLU B 47 -29.04 2.18 15.57
C GLU B 47 -28.81 2.55 17.05
N ALA B 48 -28.48 3.82 17.32
CA ALA B 48 -28.49 4.37 18.70
C ALA B 48 -29.83 4.98 19.13
N ARG B 49 -30.62 5.51 18.18
CA ARG B 49 -31.94 6.11 18.48
C ARG B 49 -32.94 5.00 18.75
N PHE B 50 -33.19 4.21 17.71
CA PHE B 50 -34.20 3.17 17.74
C PHE B 50 -33.61 1.81 18.10
N GLY B 51 -32.51 1.82 18.85
CA GLY B 51 -31.73 0.62 19.09
C GLY B 51 -31.42 -0.19 17.84
N GLU B 52 -31.27 -1.49 18.04
CA GLU B 52 -30.82 -2.41 17.01
C GLU B 52 -31.93 -2.86 16.07
N PRO B 53 -33.19 -2.85 16.53
CA PRO B 53 -34.26 -3.06 15.54
C PRO B 53 -34.27 -1.99 14.45
N GLY B 54 -34.05 -0.73 14.82
CA GLY B 54 -33.83 0.34 13.84
C GLY B 54 -32.78 -0.01 12.78
N GLY B 55 -31.67 -0.61 13.22
CA GLY B 55 -30.67 -1.14 12.30
C GLY B 55 -31.19 -2.11 11.26
N ARG B 56 -32.09 -3.01 11.66
CA ARG B 56 -32.67 -3.98 10.70
C ARG B 56 -33.47 -3.27 9.61
N GLU B 57 -34.12 -2.15 9.94
CA GLU B 57 -34.90 -1.38 8.94
C GLU B 57 -33.99 -0.76 7.89
N LEU B 58 -32.90 -0.12 8.36
CA LEU B 58 -31.84 0.40 7.48
C LEU B 58 -31.37 -0.63 6.48
N ASP B 59 -31.08 -1.84 6.94
CA ASP B 59 -30.60 -2.90 6.05
C ASP B 59 -31.60 -3.26 4.96
N LEU B 60 -32.86 -3.44 5.36
CA LEU B 60 -33.98 -3.75 4.46
C LEU B 60 -34.30 -2.57 3.54
N TRP B 61 -34.26 -1.36 4.11
CA TRP B 61 -34.37 -0.13 3.30
C TRP B 61 -33.33 -0.17 2.17
N LEU B 62 -32.06 -0.45 2.53
CA LEU B 62 -30.95 -0.51 1.56
C LEU B 62 -31.11 -1.62 0.52
N HIS B 63 -31.53 -2.79 0.98
CA HIS B 63 -31.77 -3.91 0.08
C HIS B 63 -32.97 -3.62 -0.86
N ARG B 64 -34.03 -3.05 -0.30
CA ARG B 64 -35.23 -2.73 -1.07
C ARG B 64 -34.90 -1.75 -2.18
N ALA B 65 -34.25 -0.65 -1.81
CA ALA B 65 -33.87 0.37 -2.79
C ALA B 65 -32.64 0.02 -3.65
N ALA B 66 -31.97 -1.09 -3.37
CA ALA B 66 -30.80 -1.52 -4.14
C ALA B 66 -29.66 -0.47 -4.07
N VAL B 67 -29.55 0.21 -2.92
CA VAL B 67 -28.54 1.26 -2.74
C VAL B 67 -27.13 0.67 -2.77
N ASP B 68 -26.35 1.15 -3.74
CA ASP B 68 -25.00 0.69 -4.00
C ASP B 68 -24.03 1.36 -3.03
N LEU B 69 -23.40 0.57 -2.18
CA LEU B 69 -22.44 1.10 -1.19
C LEU B 69 -21.07 1.23 -1.83
N VAL B 70 -20.61 2.47 -1.97
CA VAL B 70 -19.35 2.72 -2.63
C VAL B 70 -18.23 3.13 -1.69
N ALA B 71 -17.07 2.56 -1.81
CA ALA B 71 -16.11 2.87 -0.81
C ALA B 71 -15.35 4.07 -1.04
N VAL B 72 -14.85 4.56 0.04
CA VAL B 72 -14.23 5.85 0.07
C VAL B 72 -12.78 5.68 -0.42
N HIS B 73 -12.53 6.07 -1.66
CA HIS B 73 -11.16 6.07 -2.20
C HIS B 73 -10.45 7.39 -1.89
N ALA B 74 -9.14 7.40 -2.11
CA ALA B 74 -8.31 8.58 -1.83
C ALA B 74 -8.70 9.79 -2.72
N ASP B 75 -9.05 9.54 -3.99
CA ASP B 75 -9.54 10.64 -4.88
C ASP B 75 -10.75 11.36 -4.34
N GLN B 76 -11.63 10.63 -3.66
CA GLN B 76 -12.77 11.20 -2.97
C GLN B 76 -12.32 11.99 -1.76
N ALA B 77 -11.52 11.33 -0.91
CA ALA B 77 -10.89 11.95 0.26
C ALA B 77 -10.16 13.25 -0.08
N ASP B 78 -9.37 13.23 -1.15
CA ASP B 78 -8.66 14.43 -1.63
C ASP B 78 -9.62 15.50 -2.11
N ALA B 79 -10.59 15.10 -2.94
CA ALA B 79 -11.58 16.04 -3.46
C ALA B 79 -12.26 16.76 -2.31
N ALA B 80 -12.68 15.98 -1.32
CA ALA B 80 -13.23 16.51 -0.06
C ALA B 80 -12.26 17.38 0.74
N ARG B 81 -10.99 17.00 0.75
CA ARG B 81 -9.94 17.79 1.38
C ARG B 81 -9.89 19.22 0.84
N ALA B 82 -9.79 19.37 -0.47
CA ALA B 82 -9.84 20.68 -1.13
C ALA B 82 -11.19 21.35 -0.93
N ALA B 83 -12.27 20.57 -0.98
CA ALA B 83 -13.60 21.13 -0.76
C ALA B 83 -13.74 21.82 0.61
N TYR B 84 -13.28 21.13 1.66
CA TYR B 84 -13.47 21.63 3.03
C TYR B 84 -12.86 23.02 3.32
N ARG B 85 -11.78 23.34 2.64
CA ARG B 85 -11.09 24.64 2.76
C ARG B 85 -12.05 25.80 2.43
N THR B 86 -12.93 25.51 1.51
CA THR B 86 -13.84 26.47 0.97
C THR B 86 -15.25 26.46 1.49
N TYR B 87 -15.81 25.28 1.61
CA TYR B 87 -17.22 25.09 1.99
C TYR B 87 -17.45 24.51 3.38
N GLY B 88 -16.38 24.19 4.12
CA GLY B 88 -16.50 23.59 5.44
C GLY B 88 -17.03 24.55 6.47
N LYS B 89 -17.62 24.01 7.54
CA LYS B 89 -18.05 24.80 8.69
C LYS B 89 -16.80 25.40 9.31
N ALA B 94 -21.40 27.85 9.17
CA ALA B 94 -22.35 27.10 8.32
C ALA B 94 -21.70 26.50 7.06
N GLY B 95 -22.02 25.23 6.77
CA GLY B 95 -21.40 24.45 5.68
C GLY B 95 -21.15 22.98 6.03
N LEU B 96 -20.07 22.40 5.49
CA LEU B 96 -19.78 20.98 5.65
C LEU B 96 -19.14 20.63 7.01
N ASN B 97 -19.45 19.42 7.50
CA ASN B 97 -18.68 18.80 8.58
C ASN B 97 -17.99 17.57 8.05
N TYR B 98 -17.16 16.99 8.91
CA TYR B 98 -16.39 15.83 8.54
C TYR B 98 -17.29 14.81 7.86
N GLY B 99 -18.40 14.47 8.52
CA GLY B 99 -19.34 13.47 8.02
C GLY B 99 -19.81 13.77 6.62
N ASP B 100 -20.22 15.01 6.41
CA ASP B 100 -20.68 15.47 5.11
C ASP B 100 -19.65 15.39 4.00
N CYS B 101 -18.36 15.38 4.35
CA CYS B 101 -17.26 15.25 3.36
C CYS B 101 -17.25 13.98 2.57
N PHE B 102 -17.79 12.91 3.13
CA PHE B 102 -17.83 11.60 2.46
C PHE B 102 -18.95 11.51 1.43
N SER B 103 -20.06 12.18 1.71
CA SER B 103 -21.15 12.33 0.75
C SER B 103 -20.68 13.22 -0.39
N TYR B 104 -20.15 14.39 -0.02
CA TYR B 104 -19.58 15.33 -0.99
C TYR B 104 -18.60 14.65 -1.95
N GLY B 105 -17.56 14.05 -1.39
CA GLY B 105 -16.45 13.51 -2.16
C GLY B 105 -16.83 12.41 -3.11
N LEU B 106 -17.92 11.72 -2.77
CA LEU B 106 -18.46 10.73 -3.66
C LEU B 106 -19.16 11.36 -4.85
N ALA B 107 -19.99 12.36 -4.57
CA ALA B 107 -20.80 12.94 -5.62
C ALA B 107 -19.92 13.75 -6.56
N LYS B 108 -18.92 14.42 -6.00
CA LYS B 108 -17.94 15.18 -6.78
C LYS B 108 -17.21 14.34 -7.81
N ILE B 109 -16.68 13.20 -7.39
CA ILE B 109 -15.88 12.34 -8.27
C ILE B 109 -16.75 11.58 -9.25
N SER B 110 -17.89 11.11 -8.76
CA SER B 110 -18.97 10.56 -9.58
C SER B 110 -19.49 11.57 -10.60
N GLY B 111 -19.61 12.83 -10.19
CA GLY B 111 -20.25 13.88 -10.96
C GLY B 111 -21.77 13.76 -10.96
N GLN B 112 -22.31 13.09 -9.95
CA GLN B 112 -23.73 12.81 -9.83
C GLN B 112 -24.30 13.57 -8.64
N PRO B 113 -25.62 13.85 -8.65
CA PRO B 113 -26.16 14.77 -7.66
C PRO B 113 -26.48 14.13 -6.30
N LEU B 114 -26.54 14.98 -5.28
CA LEU B 114 -26.77 14.54 -3.91
C LEU B 114 -28.21 14.74 -3.48
N LEU B 115 -28.67 13.87 -2.58
CA LEU B 115 -29.94 14.08 -1.90
C LEU B 115 -29.69 14.18 -0.41
N PHE B 116 -29.97 15.35 0.15
CA PHE B 116 -29.63 15.66 1.53
C PHE B 116 -30.78 16.43 2.20
N LYS B 117 -30.58 16.83 3.45
CA LYS B 117 -31.56 17.64 4.15
C LYS B 117 -30.80 18.66 5.01
N GLY B 118 -31.33 19.87 5.11
CA GLY B 118 -30.74 20.93 5.94
C GLY B 118 -29.72 21.83 5.25
N GLU B 119 -28.94 22.53 6.03
CA GLU B 119 -28.19 23.63 5.52
C GLU B 119 -26.82 23.30 4.94
N ASP B 120 -26.28 22.16 5.31
CA ASP B 120 -24.84 21.87 5.08
C ASP B 120 -24.39 21.80 3.62
N PHE B 121 -25.24 21.31 2.72
CA PHE B 121 -24.94 21.29 1.28
C PHE B 121 -25.72 22.35 0.48
N GLN B 122 -26.24 23.41 1.13
CA GLN B 122 -27.09 24.38 0.41
C GLN B 122 -26.29 25.19 -0.62
N HIS B 123 -25.16 25.76 -0.20
CA HIS B 123 -24.35 26.66 -1.02
C HIS B 123 -22.91 26.13 -1.33
N THR B 124 -22.83 25.03 -2.08
CA THR B 124 -21.55 24.49 -2.55
C THR B 124 -21.57 24.23 -4.07
N ASP B 125 -20.48 23.69 -4.60
CA ASP B 125 -20.31 23.39 -6.05
C ASP B 125 -20.79 22.01 -6.47
N ILE B 126 -21.57 21.36 -5.60
CA ILE B 126 -22.03 20.00 -5.88
C ILE B 126 -23.43 20.07 -6.50
N ALA B 127 -23.73 19.19 -7.45
CA ALA B 127 -25.06 19.15 -8.05
C ALA B 127 -26.04 18.50 -7.06
N THR B 128 -27.27 19.02 -7.06
CA THR B 128 -28.31 18.62 -6.11
C THR B 128 -29.45 17.90 -6.80
N VAL B 129 -30.05 16.94 -6.09
CA VAL B 129 -31.31 16.31 -6.54
C VAL B 129 -32.48 17.20 -6.08
N ALA B 130 -33.26 17.70 -7.06
CA ALA B 130 -34.48 18.47 -6.79
C ALA B 130 -35.57 17.55 -6.21
N LEU B 131 -36.23 18.00 -5.14
CA LEU B 131 -37.37 17.26 -4.58
C LEU B 131 -38.63 17.51 -5.39
N PRO B 132 -39.32 16.50 -5.82
CA PRO B 132 -40.60 16.75 -6.44
C PRO B 132 -41.62 17.08 -5.36
N MSE C 1 2.78 -5.53 10.89
CA MSE C 1 2.23 -4.31 10.23
C MSE C 1 1.55 -3.44 11.23
O MSE C 1 1.31 -3.84 12.37
CB MSE C 1 1.22 -4.69 9.19
CG MSE C 1 1.74 -5.76 8.25
SE MSE C 1 0.38 -5.75 6.84
CE MSE C 1 1.01 -7.23 5.75
N MSE C 2 1.20 -2.24 10.78
CA MSE C 2 0.63 -1.19 11.61
C MSE C 2 -0.48 -0.51 10.87
O MSE C 2 -0.46 -0.41 9.64
CB MSE C 2 1.73 -0.17 11.86
CG MSE C 2 1.22 1.12 12.51
SE MSE C 2 2.71 2.31 13.00
CE MSE C 2 2.98 3.17 11.27
N VAL C 3 -1.45 0.00 11.65
CA VAL C 3 -2.47 0.88 11.17
C VAL C 3 -2.38 2.17 12.01
N ILE C 4 -2.29 3.34 11.34
CA ILE C 4 -2.07 4.60 12.04
C ILE C 4 -3.37 5.36 12.28
N ASP C 5 -3.75 5.55 13.53
CA ASP C 5 -4.93 6.35 13.81
C ASP C 5 -4.60 7.82 13.56
N THR C 6 -5.63 8.60 13.26
CA THR C 6 -5.47 10.04 13.06
C THR C 6 -4.65 10.69 14.14
N SER C 7 -5.01 10.40 15.39
CA SER C 7 -4.52 11.14 16.56
C SER C 7 -3.04 10.97 16.77
N ALA C 8 -2.52 9.78 16.45
CA ALA C 8 -1.08 9.55 16.50
C ALA C 8 -0.27 10.24 15.39
N LEU C 9 -0.91 10.57 14.25
CA LEU C 9 -0.23 11.32 13.18
C LEU C 9 -0.35 12.84 13.37
N VAL C 10 -1.46 13.29 13.95
CA VAL C 10 -1.62 14.68 14.36
C VAL C 10 -0.58 14.99 15.43
N ALA C 11 -0.58 14.17 16.48
CA ALA C 11 0.44 14.19 17.54
C ALA C 11 1.87 14.36 17.04
N MSE C 12 2.23 13.62 16.02
CA MSE C 12 3.59 13.56 15.54
C MSE C 12 3.92 14.68 14.60
O MSE C 12 5.09 14.92 14.35
CB MSE C 12 3.80 12.30 14.75
CG MSE C 12 4.45 11.24 15.60
SE MSE C 12 4.51 9.66 14.45
CE MSE C 12 5.73 10.21 13.07
N LEU C 13 2.90 15.33 14.04
CA LEU C 13 3.10 16.50 13.18
C LEU C 13 3.10 17.76 14.02
N SER C 14 2.37 17.75 15.14
CA SER C 14 2.28 18.91 16.04
C SER C 14 3.32 18.92 17.16
N ASP C 15 4.34 18.04 17.11
CA ASP C 15 5.46 18.01 18.08
C ASP C 15 4.97 17.88 19.53
N GLU C 16 4.06 16.93 19.74
CA GLU C 16 3.38 16.73 21.02
C GLU C 16 4.19 15.86 22.02
N PRO C 17 3.70 15.73 23.27
CA PRO C 17 4.30 14.80 24.24
C PRO C 17 4.65 13.43 23.65
N ASP C 18 5.93 13.08 23.74
CA ASP C 18 6.44 11.78 23.31
C ASP C 18 6.08 11.46 21.84
N ALA C 19 6.25 12.45 20.97
CA ALA C 19 6.17 12.25 19.53
C ALA C 19 7.29 11.35 19.04
N GLU C 20 8.48 11.51 19.63
CA GLU C 20 9.64 10.68 19.29
C GLU C 20 9.32 9.19 19.45
N ARG C 21 8.71 8.85 20.58
CA ARG C 21 8.24 7.48 20.81
C ARG C 21 7.30 7.04 19.69
N PHE C 22 6.28 7.85 19.42
CA PHE C 22 5.34 7.60 18.33
C PHE C 22 6.04 7.37 17.00
N GLU C 23 7.11 8.12 16.76
CA GLU C 23 7.95 7.96 15.56
C GLU C 23 8.71 6.63 15.50
N ALA C 24 9.17 6.15 16.65
CA ALA C 24 9.95 4.91 16.71
C ALA C 24 9.12 3.69 16.34
N ALA C 25 7.90 3.62 16.88
CA ALA C 25 6.95 2.55 16.50
C ALA C 25 6.83 2.50 14.98
N VAL C 26 6.49 3.65 14.38
CA VAL C 26 6.46 3.77 12.92
C VAL C 26 7.78 3.28 12.25
N GLU C 27 8.94 3.71 12.76
CA GLU C 27 10.24 3.28 12.20
C GLU C 27 10.53 1.78 12.46
N ALA C 28 9.93 1.22 13.50
CA ALA C 28 10.08 -0.22 13.81
C ALA C 28 9.32 -1.22 12.91
N ASP C 29 8.31 -0.78 12.16
CA ASP C 29 7.67 -1.64 11.12
C ASP C 29 7.50 -0.89 9.80
N HIS C 30 7.87 -1.53 8.70
CA HIS C 30 7.93 -0.89 7.40
C HIS C 30 6.60 -0.85 6.64
N ILE C 31 5.67 -1.73 7.02
CA ILE C 31 4.41 -1.89 6.29
C ILE C 31 3.27 -1.26 7.08
N ARG C 32 2.92 -0.04 6.67
CA ARG C 32 1.99 0.83 7.38
C ARG C 32 0.76 1.14 6.52
N LEU C 33 -0.42 1.02 7.12
CA LEU C 33 -1.68 1.32 6.45
C LEU C 33 -2.35 2.46 7.17
N MSE C 34 -3.12 3.26 6.45
CA MSE C 34 -4.01 4.22 7.06
C MSE C 34 -5.31 4.15 6.29
O MSE C 34 -5.35 3.75 5.13
CB MSE C 34 -3.35 5.59 7.05
CG MSE C 34 -4.11 6.51 8.00
SE MSE C 34 -3.34 8.31 8.31
CE MSE C 34 -2.80 8.62 6.46
N SER C 35 -6.40 4.47 6.97
CA SER C 35 -7.69 4.56 6.32
C SER C 35 -7.80 5.88 5.57
N THR C 36 -8.58 5.88 4.50
CA THR C 36 -8.79 7.10 3.71
C THR C 36 -9.57 8.15 4.50
N ALA C 37 -10.50 7.68 5.33
CA ALA C 37 -11.25 8.55 6.24
C ALA C 37 -10.40 9.13 7.38
N SER C 38 -9.45 8.35 7.89
CA SER C 38 -8.57 8.82 8.96
C SER C 38 -7.68 9.89 8.36
N TYR C 39 -6.99 9.50 7.29
CA TYR C 39 -6.25 10.42 6.44
C TYR C 39 -6.96 11.75 6.26
N LEU C 40 -8.23 11.71 5.84
CA LEU C 40 -9.04 12.94 5.76
C LEU C 40 -9.08 13.70 7.07
N GLU C 41 -9.52 13.03 8.14
CA GLU C 41 -9.58 13.64 9.47
C GLU C 41 -8.25 14.32 9.79
N THR C 42 -7.13 13.70 9.43
CA THR C 42 -5.79 14.30 9.62
C THR C 42 -5.54 15.49 8.68
N ALA C 43 -5.91 15.38 7.41
CA ALA C 43 -5.80 16.51 6.48
C ALA C 43 -6.66 17.67 6.95
N LEU C 44 -7.94 17.41 7.21
CA LEU C 44 -8.86 18.41 7.77
C LEU C 44 -8.28 19.22 8.93
N VAL C 45 -7.90 18.51 10.01
CA VAL C 45 -7.44 19.09 11.29
C VAL C 45 -6.20 19.94 11.10
N ILE C 46 -5.13 19.30 10.62
CA ILE C 46 -3.85 19.93 10.34
C ILE C 46 -3.93 21.12 9.38
N GLU C 47 -4.78 21.03 8.35
CA GLU C 47 -4.97 22.16 7.42
C GLU C 47 -5.78 23.31 7.99
N ALA C 48 -6.58 23.09 9.00
CA ALA C 48 -7.10 24.21 9.71
C ALA C 48 -6.09 24.82 10.61
N ARG C 49 -5.51 24.01 11.45
CA ARG C 49 -4.59 24.57 12.43
C ARG C 49 -3.46 25.34 11.76
N PHE C 50 -2.76 24.69 10.82
CA PHE C 50 -1.58 25.26 10.20
C PHE C 50 -1.75 25.55 8.70
N GLY C 51 -2.98 25.84 8.27
CA GLY C 51 -3.27 26.19 6.88
C GLY C 51 -2.89 25.12 5.86
N GLU C 52 -2.87 25.49 4.59
CA GLU C 52 -2.36 24.62 3.51
C GLU C 52 -0.85 24.33 3.53
N PRO C 53 -0.05 25.12 4.28
CA PRO C 53 1.34 24.67 4.52
C PRO C 53 1.44 23.48 5.48
N GLY C 54 0.49 23.34 6.40
CA GLY C 54 0.44 22.18 7.30
C GLY C 54 0.06 20.91 6.57
N GLY C 55 -0.77 21.09 5.53
CA GLY C 55 -1.10 20.01 4.61
C GLY C 55 0.05 19.46 3.82
N ARG C 56 1.00 20.31 3.42
CA ARG C 56 2.14 19.85 2.62
C ARG C 56 3.06 19.00 3.47
N GLU C 57 3.17 19.34 4.75
CA GLU C 57 3.99 18.52 5.66
C GLU C 57 3.43 17.13 5.74
N LEU C 58 2.11 17.04 5.90
CA LEU C 58 1.40 15.77 5.99
C LEU C 58 1.61 14.95 4.75
N ASP C 59 1.52 15.59 3.59
CA ASP C 59 1.75 14.86 2.34
C ASP C 59 3.14 14.27 2.34
N LEU C 60 4.16 15.06 2.73
CA LEU C 60 5.53 14.55 2.74
C LEU C 60 5.68 13.41 3.72
N TRP C 61 5.05 13.52 4.88
CA TRP C 61 5.09 12.45 5.85
C TRP C 61 4.54 11.14 5.26
N LEU C 62 3.32 11.20 4.71
CA LEU C 62 2.65 10.01 4.14
C LEU C 62 3.44 9.44 2.99
N HIS C 63 3.98 10.33 2.18
CA HIS C 63 4.83 9.89 1.11
C HIS C 63 6.07 9.21 1.64
N ARG C 64 6.78 9.85 2.56
CA ARG C 64 8.12 9.40 2.98
C ARG C 64 8.11 8.26 3.98
N ALA C 65 6.97 8.03 4.63
CA ALA C 65 6.75 6.86 5.47
C ALA C 65 6.16 5.70 4.67
N ALA C 66 5.84 5.95 3.39
CA ALA C 66 5.37 4.90 2.47
C ALA C 66 3.94 4.36 2.85
N VAL C 67 3.07 5.24 3.35
CA VAL C 67 1.80 4.79 3.92
C VAL C 67 0.79 4.42 2.83
N ASP C 68 0.16 3.27 3.01
CA ASP C 68 -0.83 2.78 2.10
C ASP C 68 -2.17 3.34 2.56
N LEU C 69 -2.75 4.22 1.74
CA LEU C 69 -4.10 4.73 2.00
C LEU C 69 -5.07 3.66 1.50
N VAL C 70 -5.72 2.94 2.43
CA VAL C 70 -6.68 1.89 2.07
C VAL C 70 -8.13 2.43 2.11
N ALA C 71 -8.90 2.03 1.12
CA ALA C 71 -10.24 2.54 0.92
C ALA C 71 -11.17 1.92 1.96
N VAL C 72 -12.19 2.67 2.36
CA VAL C 72 -13.20 2.17 3.29
C VAL C 72 -14.27 1.30 2.61
N HIS C 73 -14.05 -0.01 2.60
CA HIS C 73 -15.00 -0.96 2.05
C HIS C 73 -16.03 -1.50 3.03
N ALA C 74 -17.14 -1.97 2.48
CA ALA C 74 -18.34 -2.36 3.26
C ALA C 74 -18.03 -3.30 4.40
N ASP C 75 -17.20 -4.30 4.15
CA ASP C 75 -16.72 -5.17 5.26
C ASP C 75 -16.19 -4.36 6.46
N GLN C 76 -15.38 -3.32 6.22
CA GLN C 76 -14.87 -2.43 7.28
C GLN C 76 -15.94 -1.63 8.00
N ALA C 77 -16.82 -0.99 7.23
CA ALA C 77 -17.99 -0.27 7.79
C ALA C 77 -18.93 -1.16 8.61
N ASP C 78 -19.17 -2.39 8.11
CA ASP C 78 -20.02 -3.36 8.82
C ASP C 78 -19.36 -3.88 10.10
N ALA C 79 -18.04 -3.95 10.11
CA ALA C 79 -17.30 -4.34 11.31
C ALA C 79 -17.32 -3.24 12.36
N ALA C 80 -17.06 -1.99 11.97
CA ALA C 80 -17.15 -0.86 12.92
C ALA C 80 -18.57 -0.54 13.47
N ARG C 81 -19.61 -0.92 12.72
CA ARG C 81 -21.01 -0.65 13.11
C ARG C 81 -21.40 -1.53 14.29
N ALA C 82 -21.17 -2.83 14.11
CA ALA C 82 -21.31 -3.80 15.17
C ALA C 82 -20.48 -3.38 16.38
N ALA C 83 -19.19 -3.10 16.18
CA ALA C 83 -18.32 -2.72 17.28
C ALA C 83 -18.75 -1.47 18.04
N TYR C 84 -19.43 -0.53 17.35
CA TYR C 84 -19.86 0.71 17.99
C TYR C 84 -20.85 0.49 19.13
N ARG C 85 -21.68 -0.55 19.02
CA ARG C 85 -22.76 -0.79 19.98
C ARG C 85 -22.29 -1.23 21.37
N THR C 86 -21.02 -1.61 21.50
CA THR C 86 -20.37 -1.91 22.77
C THR C 86 -19.31 -0.88 23.14
N TYR C 87 -18.39 -0.63 22.20
CA TYR C 87 -17.33 0.35 22.40
C TYR C 87 -17.81 1.62 21.69
N GLY C 88 -18.43 2.51 22.45
CA GLY C 88 -19.12 3.68 21.90
C GLY C 88 -18.63 4.90 22.61
N LYS C 89 -19.47 5.53 23.41
CA LYS C 89 -19.10 6.77 24.07
C LYS C 89 -20.00 7.13 25.25
N ALA C 94 -17.44 5.36 27.82
CA ALA C 94 -16.43 4.72 26.98
C ALA C 94 -15.48 5.78 26.40
N GLY C 95 -14.90 5.51 25.22
CA GLY C 95 -14.16 6.52 24.42
C GLY C 95 -14.42 6.61 22.91
N LEU C 96 -14.73 5.51 22.26
CA LEU C 96 -14.70 5.44 20.80
C LEU C 96 -15.72 6.20 19.96
N ASN C 97 -15.22 6.72 18.84
CA ASN C 97 -15.83 7.84 18.13
C ASN C 97 -16.19 7.53 16.67
N TYR C 98 -16.95 8.43 16.04
CA TYR C 98 -17.27 8.29 14.61
C TYR C 98 -16.02 8.15 13.72
N GLY C 99 -15.20 9.19 13.62
CA GLY C 99 -13.96 9.11 12.84
C GLY C 99 -13.00 8.02 13.31
N ASP C 100 -13.03 7.74 14.59
CA ASP C 100 -12.30 6.59 15.13
C ASP C 100 -12.84 5.22 14.71
N CYS C 101 -14.02 5.16 14.07
CA CYS C 101 -14.55 3.91 13.51
C CYS C 101 -13.76 3.42 12.34
N PHE C 102 -13.21 4.34 11.55
CA PHE C 102 -12.57 3.97 10.30
C PHE C 102 -11.20 3.36 10.56
N SER C 103 -10.47 3.94 11.53
CA SER C 103 -9.32 3.22 12.14
C SER C 103 -9.71 1.83 12.63
N TYR C 104 -10.80 1.73 13.41
CA TYR C 104 -11.27 0.43 13.97
C TYR C 104 -11.50 -0.58 12.87
N GLY C 105 -12.41 -0.23 11.95
CA GLY C 105 -12.86 -1.12 10.88
C GLY C 105 -11.67 -1.65 10.13
N LEU C 106 -10.85 -0.72 9.64
CA LEU C 106 -9.66 -1.07 8.88
C LEU C 106 -8.81 -2.01 9.70
N ALA C 107 -8.60 -1.70 10.97
CA ALA C 107 -7.77 -2.55 11.81
C ALA C 107 -8.39 -3.94 11.94
N LYS C 108 -9.68 -4.00 12.30
CA LYS C 108 -10.38 -5.27 12.40
C LYS C 108 -10.20 -6.20 11.17
N ILE C 109 -10.62 -5.75 10.00
CA ILE C 109 -10.59 -6.59 8.80
C ILE C 109 -9.15 -6.98 8.48
N SER C 110 -8.30 -6.01 8.13
CA SER C 110 -6.86 -6.27 7.94
C SER C 110 -6.29 -7.17 9.05
N GLY C 111 -6.76 -6.96 10.28
CA GLY C 111 -6.40 -7.83 11.39
C GLY C 111 -5.11 -7.39 12.04
N GLN C 112 -4.70 -6.15 11.75
CA GLN C 112 -3.41 -5.62 12.15
C GLN C 112 -3.52 -4.69 13.33
N PRO C 113 -2.43 -4.54 14.10
CA PRO C 113 -2.50 -3.62 15.23
C PRO C 113 -2.55 -2.16 14.80
N LEU C 114 -2.94 -1.32 15.76
CA LEU C 114 -3.29 0.08 15.57
C LEU C 114 -2.42 0.92 16.48
N LEU C 115 -2.00 2.05 15.96
CA LEU C 115 -1.27 3.04 16.71
C LEU C 115 -2.10 4.22 16.94
N PHE C 116 -2.25 4.68 18.16
CA PHE C 116 -3.15 5.81 18.45
C PHE C 116 -2.68 6.57 19.69
N LYS C 117 -3.32 7.71 19.99
CA LYS C 117 -3.10 8.43 21.24
C LYS C 117 -4.42 8.55 21.99
N GLY C 118 -4.36 8.64 23.32
CA GLY C 118 -5.55 8.88 24.13
C GLY C 118 -6.37 7.61 24.38
N GLU C 119 -7.66 7.81 24.66
CA GLU C 119 -8.51 6.79 25.30
C GLU C 119 -9.12 5.75 24.36
N ASP C 120 -9.72 6.27 23.28
CA ASP C 120 -10.76 5.60 22.49
C ASP C 120 -10.60 4.10 22.19
N PHE C 121 -9.37 3.62 22.04
CA PHE C 121 -9.12 2.25 21.58
C PHE C 121 -8.49 1.29 22.59
N GLN C 122 -8.03 1.78 23.74
CA GLN C 122 -7.30 0.91 24.68
C GLN C 122 -8.18 -0.10 25.44
N HIS C 123 -9.50 0.04 25.35
CA HIS C 123 -10.47 -0.91 25.93
C HIS C 123 -11.39 -1.51 24.85
N THR C 124 -10.79 -2.05 23.79
CA THR C 124 -11.54 -2.63 22.65
C THR C 124 -10.98 -4.01 22.31
N ASP C 125 -11.50 -4.63 21.25
CA ASP C 125 -11.16 -6.04 20.91
C ASP C 125 -10.12 -6.15 19.80
N ILE C 126 -9.42 -5.05 19.54
CA ILE C 126 -8.38 -5.00 18.51
C ILE C 126 -7.02 -4.78 19.17
N ALA C 127 -5.97 -5.23 18.50
CA ALA C 127 -4.62 -5.18 19.07
C ALA C 127 -4.08 -3.76 18.93
N THR C 128 -3.32 -3.34 19.95
CA THR C 128 -2.78 -1.98 20.08
C THR C 128 -1.26 -2.02 20.00
N VAL C 129 -0.68 -1.08 19.27
CA VAL C 129 0.77 -1.07 19.08
C VAL C 129 1.48 -0.53 20.32
N ALA C 130 2.51 -1.26 20.78
CA ALA C 130 3.32 -0.81 21.93
C ALA C 130 4.43 0.15 21.50
N LEU C 131 4.59 1.23 22.26
CA LEU C 131 5.65 2.22 22.04
C LEU C 131 7.01 1.69 22.56
N PRO C 132 8.08 1.73 21.74
CA PRO C 132 9.25 0.87 21.98
C PRO C 132 10.32 1.49 22.89
N MSE D 1 30.48 8.99 -1.17
CA MSE D 1 29.61 7.79 -1.07
C MSE D 1 29.88 6.86 -2.21
O MSE D 1 30.42 7.25 -3.25
CB MSE D 1 28.14 8.20 -1.14
CG MSE D 1 27.19 7.40 -0.24
SE MSE D 1 25.63 8.41 0.48
CE MSE D 1 26.32 10.24 0.72
N MSE D 2 29.42 5.58 -2.19
CA MSE D 2 29.36 4.58 -3.36
C MSE D 2 28.27 3.46 -3.42
O MSE D 2 27.59 3.38 -2.41
CB MSE D 2 30.66 3.82 -3.47
CG MSE D 2 30.85 2.79 -2.38
SE MSE D 2 32.42 1.68 -2.64
CE MSE D 2 31.96 0.30 -3.87
N VAL D 3 28.07 2.67 -4.52
CA VAL D 3 27.12 1.57 -4.57
C VAL D 3 27.94 0.41 -5.02
N ILE D 4 27.66 -0.76 -4.48
CA ILE D 4 28.42 -1.93 -4.81
C ILE D 4 27.41 -2.94 -5.32
N ASP D 5 27.61 -3.40 -6.54
CA ASP D 5 26.76 -4.44 -7.10
C ASP D 5 27.23 -5.80 -6.57
N THR D 6 26.37 -6.79 -6.75
CA THR D 6 26.71 -8.20 -6.64
C THR D 6 27.98 -8.64 -7.38
N SER D 7 28.36 -7.97 -8.48
CA SER D 7 29.50 -8.45 -9.26
C SER D 7 30.83 -8.25 -8.54
N ALA D 8 30.96 -7.12 -7.83
CA ALA D 8 32.19 -6.76 -7.08
C ALA D 8 32.35 -7.38 -5.67
N LEU D 9 31.33 -8.11 -5.20
CA LEU D 9 31.37 -8.83 -3.91
C LEU D 9 31.52 -10.31 -4.18
N VAL D 10 30.64 -10.87 -4.98
CA VAL D 10 30.83 -12.22 -5.52
C VAL D 10 32.24 -12.36 -6.08
N ALA D 11 32.79 -11.27 -6.65
CA ALA D 11 34.18 -11.23 -7.09
C ALA D 11 35.14 -11.35 -5.90
N MSE D 12 35.14 -10.34 -5.05
CA MSE D 12 36.02 -10.28 -3.88
C MSE D 12 35.95 -11.53 -3.05
O MSE D 12 36.96 -12.16 -2.83
CB MSE D 12 35.63 -9.09 -3.00
CG MSE D 12 36.65 -7.98 -3.04
SE MSE D 12 35.63 -6.35 -2.72
CE MSE D 12 36.42 -5.42 -1.20
N LEU D 13 34.78 -11.94 -2.68
CA LEU D 13 34.66 -13.07 -1.82
C LEU D 13 35.14 -14.31 -2.47
N SER D 14 35.17 -14.34 -3.76
CA SER D 14 35.68 -15.49 -4.42
C SER D 14 37.12 -15.32 -4.84
N ASP D 15 37.74 -14.28 -4.37
CA ASP D 15 39.13 -13.94 -4.74
C ASP D 15 39.37 -14.11 -6.26
N GLU D 16 38.56 -13.38 -7.03
CA GLU D 16 38.80 -13.22 -8.46
C GLU D 16 39.86 -12.12 -8.64
N PRO D 17 40.47 -12.02 -9.86
CA PRO D 17 41.44 -10.96 -10.14
C PRO D 17 41.03 -9.53 -9.73
N ASP D 18 42.01 -8.73 -9.36
CA ASP D 18 41.82 -7.31 -8.98
C ASP D 18 40.86 -7.08 -7.79
N ALA D 19 40.67 -8.10 -6.96
CA ALA D 19 39.87 -7.99 -5.75
C ALA D 19 40.45 -6.96 -4.75
N GLU D 20 41.78 -6.81 -4.76
CA GLU D 20 42.46 -5.82 -3.91
C GLU D 20 42.16 -4.38 -4.38
N ARG D 21 41.98 -4.16 -5.68
CA ARG D 21 41.59 -2.82 -6.18
C ARG D 21 40.16 -2.48 -5.73
N PHE D 22 39.28 -3.48 -5.73
CA PHE D 22 37.96 -3.33 -5.13
C PHE D 22 37.99 -3.05 -3.62
N GLU D 23 38.97 -3.60 -2.89
CA GLU D 23 39.20 -3.28 -1.46
C GLU D 23 39.62 -1.83 -1.25
N ALA D 24 40.58 -1.36 -2.06
CA ALA D 24 41.04 0.03 -2.00
C ALA D 24 39.89 0.96 -2.24
N ALA D 25 39.06 0.64 -3.24
CA ALA D 25 37.83 1.38 -3.51
C ALA D 25 36.97 1.43 -2.25
N VAL D 26 36.59 0.26 -1.73
CA VAL D 26 35.85 0.18 -0.47
C VAL D 26 36.49 1.06 0.61
N GLU D 27 37.83 1.03 0.69
CA GLU D 27 38.60 1.91 1.61
C GLU D 27 38.55 3.42 1.28
N ALA D 28 38.68 3.76 -0.01
CA ALA D 28 38.86 5.16 -0.44
C ALA D 28 37.75 6.15 -0.06
N ASP D 29 36.49 5.67 -0.04
CA ASP D 29 35.34 6.46 0.48
C ASP D 29 34.58 5.65 1.54
N HIS D 30 34.08 6.34 2.57
CA HIS D 30 33.68 5.68 3.82
C HIS D 30 32.27 5.11 3.88
N ILE D 31 31.25 5.87 3.43
CA ILE D 31 29.87 5.36 3.36
C ILE D 31 29.68 4.49 2.11
N ARG D 32 29.21 3.27 2.30
CA ARG D 32 29.01 2.31 1.22
C ARG D 32 27.58 1.80 1.24
N LEU D 33 26.80 2.16 0.23
CA LEU D 33 25.39 1.77 0.10
C LEU D 33 25.32 0.42 -0.61
N MSE D 34 24.29 -0.38 -0.31
CA MSE D 34 24.02 -1.60 -1.09
C MSE D 34 22.54 -1.92 -1.07
O MSE D 34 21.88 -1.81 -0.03
CB MSE D 34 24.85 -2.81 -0.62
CG MSE D 34 24.68 -3.98 -1.59
SE MSE D 34 25.67 -5.59 -1.05
CE MSE D 34 25.97 -6.45 -2.79
N SER D 35 22.03 -2.32 -2.24
CA SER D 35 20.60 -2.58 -2.40
C SER D 35 20.25 -3.90 -1.79
N THR D 36 19.30 -3.89 -0.88
CA THR D 36 18.81 -5.11 -0.20
C THR D 36 18.64 -6.32 -1.11
N ALA D 37 18.40 -6.05 -2.39
CA ALA D 37 18.16 -7.08 -3.39
C ALA D 37 19.45 -7.48 -4.12
N SER D 38 20.37 -6.54 -4.30
CA SER D 38 21.74 -6.88 -4.72
C SER D 38 22.43 -7.74 -3.62
N TYR D 39 22.36 -7.28 -2.38
CA TYR D 39 22.75 -8.11 -1.21
C TYR D 39 22.14 -9.52 -1.21
N LEU D 40 20.85 -9.62 -1.51
CA LEU D 40 20.15 -10.91 -1.60
C LEU D 40 20.69 -11.77 -2.73
N GLU D 41 20.76 -11.21 -3.94
CA GLU D 41 21.42 -11.90 -5.08
C GLU D 41 22.83 -12.40 -4.70
N THR D 42 23.55 -11.54 -3.97
CA THR D 42 24.87 -11.86 -3.46
C THR D 42 24.82 -12.97 -2.42
N ALA D 43 23.85 -12.90 -1.53
CA ALA D 43 23.63 -13.92 -0.48
C ALA D 43 23.32 -15.32 -1.04
N LEU D 44 22.56 -15.39 -2.11
CA LEU D 44 22.24 -16.67 -2.78
C LEU D 44 23.43 -17.23 -3.52
N VAL D 45 24.16 -16.36 -4.19
CA VAL D 45 25.29 -16.80 -5.01
C VAL D 45 26.38 -17.37 -4.12
N ILE D 46 26.67 -16.67 -3.03
CA ILE D 46 27.64 -17.14 -2.07
C ILE D 46 27.23 -18.49 -1.46
N GLU D 47 26.01 -18.56 -0.92
CA GLU D 47 25.56 -19.72 -0.15
C GLU D 47 25.21 -20.97 -0.98
N ALA D 48 25.23 -20.86 -2.31
CA ALA D 48 25.22 -22.04 -3.19
C ALA D 48 26.65 -22.43 -3.54
N ARG D 49 27.53 -21.44 -3.67
CA ARG D 49 28.92 -21.67 -4.02
C ARG D 49 29.63 -22.36 -2.87
N PHE D 50 29.51 -21.77 -1.70
CA PHE D 50 30.27 -22.15 -0.54
C PHE D 50 29.42 -22.61 0.66
N GLY D 51 28.13 -22.83 0.45
CA GLY D 51 27.21 -23.14 1.54
C GLY D 51 27.08 -22.03 2.55
N GLU D 52 26.53 -22.37 3.71
CA GLU D 52 26.36 -21.41 4.80
C GLU D 52 27.66 -20.84 5.38
N PRO D 53 28.76 -21.61 5.39
CA PRO D 53 30.03 -20.93 5.76
C PRO D 53 30.43 -19.79 4.80
N GLY D 54 30.02 -19.87 3.53
CA GLY D 54 30.10 -18.74 2.61
C GLY D 54 29.40 -17.52 3.19
N GLY D 55 28.21 -17.77 3.72
CA GLY D 55 27.38 -16.70 4.27
C GLY D 55 27.93 -15.99 5.48
N ARG D 56 28.61 -16.72 6.36
CA ARG D 56 29.31 -16.13 7.51
C ARG D 56 30.25 -15.04 7.01
N GLU D 57 31.03 -15.38 5.99
CA GLU D 57 32.09 -14.50 5.52
C GLU D 57 31.48 -13.29 4.81
N LEU D 58 30.42 -13.55 4.05
CA LEU D 58 29.60 -12.51 3.47
C LEU D 58 29.09 -11.59 4.54
N ASP D 59 28.55 -12.16 5.63
CA ASP D 59 28.00 -11.34 6.72
C ASP D 59 29.07 -10.52 7.43
N LEU D 60 30.27 -11.08 7.57
CA LEU D 60 31.37 -10.39 8.23
C LEU D 60 31.83 -9.19 7.38
N TRP D 61 32.01 -9.45 6.09
CA TRP D 61 32.37 -8.41 5.13
C TRP D 61 31.43 -7.20 5.24
N LEU D 62 30.12 -7.45 5.23
CA LEU D 62 29.12 -6.38 5.25
C LEU D 62 29.11 -5.57 6.56
N HIS D 63 29.23 -6.25 7.69
CA HIS D 63 29.31 -5.58 8.99
C HIS D 63 30.64 -4.84 9.18
N ARG D 64 31.74 -5.45 8.77
CA ARG D 64 33.06 -4.80 8.86
C ARG D 64 33.31 -3.73 7.79
N ALA D 65 32.56 -3.74 6.69
CA ALA D 65 32.53 -2.57 5.77
C ALA D 65 31.50 -1.50 6.20
N ALA D 66 30.67 -1.79 7.20
CA ALA D 66 29.67 -0.84 7.70
C ALA D 66 28.61 -0.50 6.61
N VAL D 67 28.25 -1.51 5.82
CA VAL D 67 27.35 -1.28 4.69
C VAL D 67 25.93 -0.89 5.16
N ASP D 68 25.36 0.11 4.48
CA ASP D 68 23.95 0.50 4.66
C ASP D 68 23.15 -0.18 3.58
N LEU D 69 22.32 -1.13 4.00
CA LEU D 69 21.45 -1.87 3.10
C LEU D 69 20.23 -1.04 2.82
N VAL D 70 20.17 -0.48 1.61
CA VAL D 70 19.08 0.44 1.26
C VAL D 70 17.90 -0.31 0.65
N ALA D 71 16.71 0.10 1.06
CA ALA D 71 15.48 -0.52 0.59
C ALA D 71 15.22 -0.17 -0.87
N VAL D 72 14.63 -1.11 -1.59
CA VAL D 72 14.20 -0.90 -2.95
C VAL D 72 12.90 -0.14 -2.81
N HIS D 73 12.99 1.15 -2.93
CA HIS D 73 11.87 2.01 -2.96
C HIS D 73 11.26 2.14 -4.34
N ALA D 74 10.03 2.56 -4.42
CA ALA D 74 9.33 2.57 -5.70
C ALA D 74 10.06 3.42 -6.74
N ASP D 75 10.63 4.52 -6.26
CA ASP D 75 11.27 5.46 -7.19
C ASP D 75 12.46 4.82 -7.90
N GLN D 76 13.17 3.91 -7.19
CA GLN D 76 14.28 3.15 -7.78
C GLN D 76 13.78 2.17 -8.81
N ALA D 77 12.73 1.45 -8.45
CA ALA D 77 12.10 0.51 -9.37
C ALA D 77 11.61 1.17 -10.68
N ASP D 78 11.19 2.45 -10.63
CA ASP D 78 10.74 3.20 -11.83
C ASP D 78 11.89 3.67 -12.73
N ALA D 79 13.05 3.95 -12.14
CA ALA D 79 14.23 4.32 -12.95
C ALA D 79 14.78 3.12 -13.71
N ALA D 80 14.63 1.95 -13.12
CA ALA D 80 15.14 0.73 -13.71
C ALA D 80 14.22 0.35 -14.82
N ARG D 81 12.93 0.24 -14.50
CA ARG D 81 11.90 0.00 -15.52
C ARG D 81 12.15 0.93 -16.71
N ALA D 82 12.14 2.24 -16.44
CA ALA D 82 12.46 3.27 -17.43
C ALA D 82 13.72 2.99 -18.24
N ALA D 83 14.83 2.73 -17.55
CA ALA D 83 16.13 2.56 -18.20
C ALA D 83 16.33 1.25 -18.93
N TYR D 84 15.48 0.26 -18.68
CA TYR D 84 15.69 -1.10 -19.23
C TYR D 84 15.40 -1.19 -20.71
N ARG D 85 14.50 -0.35 -21.20
CA ARG D 85 14.10 -0.38 -22.61
C ARG D 85 15.26 0.06 -23.50
N THR D 86 16.13 0.90 -22.94
CA THR D 86 17.32 1.37 -23.63
C THR D 86 18.53 0.48 -23.40
N TYR D 87 18.80 0.14 -22.13
CA TYR D 87 20.04 -0.56 -21.76
C TYR D 87 19.86 -2.04 -21.41
N GLY D 88 18.64 -2.55 -21.36
CA GLY D 88 18.44 -3.96 -21.03
C GLY D 88 18.86 -4.77 -22.23
N LYS D 89 18.87 -6.09 -22.12
CA LYS D 89 18.98 -6.91 -23.32
C LYS D 89 17.58 -7.30 -23.82
N ALA D 94 25.92 -4.95 -25.16
CA ALA D 94 25.63 -6.22 -24.50
C ALA D 94 24.26 -6.19 -23.82
N GLY D 95 24.16 -5.59 -22.63
CA GLY D 95 22.89 -5.61 -21.87
C GLY D 95 22.93 -5.17 -20.42
N LEU D 96 21.89 -5.57 -19.69
CA LEU D 96 21.67 -5.21 -18.28
C LEU D 96 20.55 -6.11 -17.76
N ASN D 97 20.79 -6.78 -16.64
CA ASN D 97 19.90 -7.79 -16.10
C ASN D 97 18.80 -7.28 -15.21
N TYR D 98 17.91 -8.20 -14.85
CA TYR D 98 16.95 -7.96 -13.80
C TYR D 98 17.69 -7.71 -12.51
N GLY D 99 18.63 -8.60 -12.17
CA GLY D 99 19.46 -8.44 -10.95
C GLY D 99 20.20 -7.11 -10.91
N ASP D 100 20.72 -6.71 -12.05
CA ASP D 100 21.39 -5.40 -12.20
C ASP D 100 20.48 -4.21 -11.97
N CYS D 101 19.20 -4.35 -12.31
CA CYS D 101 18.24 -3.24 -12.15
C CYS D 101 18.25 -2.57 -10.78
N PHE D 102 18.50 -3.33 -9.71
CA PHE D 102 18.46 -2.75 -8.35
C PHE D 102 19.69 -1.92 -8.02
N SER D 103 20.83 -2.31 -8.60
CA SER D 103 22.06 -1.52 -8.49
C SER D 103 21.92 -0.27 -9.34
N TYR D 104 21.44 -0.41 -10.57
CA TYR D 104 21.11 0.76 -11.39
C TYR D 104 20.13 1.66 -10.66
N GLY D 105 19.08 1.08 -10.10
CA GLY D 105 18.01 1.86 -9.48
C GLY D 105 18.56 2.77 -8.39
N LEU D 106 19.12 2.14 -7.37
CA LEU D 106 19.77 2.82 -6.24
C LEU D 106 20.76 3.89 -6.68
N ALA D 107 21.56 3.56 -7.69
CA ALA D 107 22.57 4.49 -8.21
C ALA D 107 21.92 5.71 -8.86
N LYS D 108 21.04 5.46 -9.83
CA LYS D 108 20.39 6.55 -10.56
C LYS D 108 19.74 7.49 -9.57
N ILE D 109 19.05 6.93 -8.56
CA ILE D 109 18.33 7.74 -7.59
C ILE D 109 19.29 8.42 -6.63
N SER D 110 20.07 7.62 -5.89
CA SER D 110 21.05 8.14 -4.92
C SER D 110 22.09 9.03 -5.56
N GLY D 111 22.33 8.84 -6.85
CA GLY D 111 23.21 9.71 -7.64
C GLY D 111 24.69 9.41 -7.45
N GLN D 112 24.97 8.23 -6.89
CA GLN D 112 26.31 7.84 -6.49
C GLN D 112 26.88 6.90 -7.52
N PRO D 113 28.23 6.83 -7.61
CA PRO D 113 28.90 5.94 -8.55
C PRO D 113 28.79 4.47 -8.14
N LEU D 114 29.07 3.57 -9.09
CA LEU D 114 28.78 2.16 -8.93
C LEU D 114 30.03 1.29 -9.14
N LEU D 115 30.33 0.46 -8.13
CA LEU D 115 31.43 -0.48 -8.16
C LEU D 115 30.90 -1.78 -8.76
N PHE D 116 31.60 -2.32 -9.76
CA PHE D 116 31.18 -3.55 -10.42
C PHE D 116 32.29 -4.12 -11.31
N LYS D 117 32.05 -5.34 -11.80
CA LYS D 117 32.92 -6.08 -12.73
C LYS D 117 32.03 -6.77 -13.76
N GLY D 118 32.54 -6.95 -14.98
CA GLY D 118 31.79 -7.57 -16.07
C GLY D 118 31.36 -6.53 -17.09
N GLU D 119 30.91 -7.01 -18.25
CA GLU D 119 30.61 -6.14 -19.41
C GLU D 119 29.44 -5.22 -19.14
N ASP D 120 28.27 -5.80 -18.85
CA ASP D 120 27.10 -5.02 -18.43
C ASP D 120 27.45 -4.04 -17.31
N PHE D 121 26.79 -2.92 -17.38
CA PHE D 121 27.05 -1.81 -16.55
C PHE D 121 28.07 -0.85 -17.10
N GLN D 122 28.73 -1.21 -18.16
CA GLN D 122 29.40 -0.27 -19.06
C GLN D 122 28.30 0.39 -19.88
N HIS D 123 28.56 1.60 -20.38
CA HIS D 123 27.67 2.23 -21.36
C HIS D 123 26.23 2.39 -20.90
N THR D 124 26.05 2.86 -19.68
CA THR D 124 24.73 3.20 -19.13
C THR D 124 24.78 4.65 -18.64
N ASP D 125 23.66 5.12 -18.10
CA ASP D 125 23.46 6.54 -17.77
C ASP D 125 24.25 6.97 -16.54
N ILE D 126 24.53 6.02 -15.64
CA ILE D 126 25.19 6.30 -14.35
C ILE D 126 26.72 6.15 -14.39
N ALA D 127 27.36 6.72 -13.37
CA ALA D 127 28.81 6.68 -13.21
C ALA D 127 29.32 5.29 -12.80
N THR D 128 30.49 4.91 -13.32
CA THR D 128 31.25 3.75 -12.85
C THR D 128 32.30 4.21 -11.85
N VAL D 129 32.54 3.43 -10.78
CA VAL D 129 33.66 3.67 -9.85
C VAL D 129 34.96 3.28 -10.54
N ALA D 130 35.99 4.11 -10.42
CA ALA D 130 37.35 3.76 -10.91
C ALA D 130 38.02 2.80 -9.93
N VAL E 47 -17.53 0.69 -13.87
CA VAL E 47 -17.60 0.98 -12.40
C VAL E 47 -17.40 -0.22 -11.44
N PRO E 48 -17.80 -1.46 -11.83
CA PRO E 48 -17.45 -2.55 -10.91
C PRO E 48 -16.09 -3.18 -11.28
N LEU E 49 -15.18 -3.14 -10.31
CA LEU E 49 -13.79 -3.61 -10.44
C LEU E 49 -13.61 -4.81 -11.35
N ARG E 50 -14.41 -5.85 -11.14
CA ARG E 50 -14.38 -7.06 -12.00
C ARG E 50 -14.40 -6.78 -13.49
N ASP E 51 -15.17 -5.77 -13.91
CA ASP E 51 -15.22 -5.40 -15.33
C ASP E 51 -14.00 -4.57 -15.71
N GLU E 52 -13.69 -3.60 -14.87
CA GLU E 52 -12.50 -2.76 -15.05
C GLU E 52 -11.21 -3.55 -15.34
N LEU E 53 -10.99 -4.64 -14.62
CA LEU E 53 -9.81 -5.47 -14.84
C LEU E 53 -9.92 -6.30 -16.12
N ALA E 54 -11.12 -6.80 -16.40
CA ALA E 54 -11.38 -7.50 -17.66
C ALA E 54 -11.12 -6.60 -18.86
N ALA E 55 -11.56 -5.34 -18.78
CA ALA E 55 -11.25 -4.36 -19.83
C ALA E 55 -9.75 -4.23 -20.02
N ILE E 56 -9.04 -4.00 -18.91
CA ILE E 56 -7.60 -3.82 -18.95
C ILE E 56 -6.96 -5.03 -19.58
N ARG E 57 -7.23 -6.21 -19.00
CA ARG E 57 -6.68 -7.47 -19.56
C ARG E 57 -6.91 -7.51 -21.05
N HIS E 58 -8.17 -7.54 -21.48
CA HIS E 58 -8.52 -7.64 -22.94
C HIS E 58 -7.82 -6.61 -23.82
N ARG E 59 -7.79 -5.36 -23.37
CA ARG E 59 -7.00 -4.29 -24.03
C ARG E 59 -5.53 -4.67 -24.16
N CYS E 60 -4.89 -5.02 -23.03
CA CYS E 60 -3.43 -5.30 -23.01
C CYS E 60 -3.13 -6.55 -23.80
N ALA E 61 -3.93 -7.58 -23.53
CA ALA E 61 -3.87 -8.84 -24.25
C ALA E 61 -3.90 -8.63 -25.76
N ALA E 62 -4.78 -7.74 -26.23
CA ALA E 62 -5.01 -7.53 -27.68
C ALA E 62 -3.96 -6.64 -28.37
N LEU E 63 -2.96 -6.15 -27.65
CA LEU E 63 -1.91 -5.34 -28.25
C LEU E 63 -0.89 -6.23 -28.97
N PRO E 64 -0.20 -5.67 -29.99
CA PRO E 64 0.78 -6.45 -30.76
C PRO E 64 1.95 -6.96 -29.94
N VAL E 65 2.50 -8.09 -30.38
CA VAL E 65 3.65 -8.72 -29.76
C VAL E 65 4.91 -8.18 -30.42
N VAL E 66 5.45 -7.10 -29.84
CA VAL E 66 6.76 -6.56 -30.25
C VAL E 66 7.93 -7.45 -29.83
N ASP E 67 7.70 -8.36 -28.89
CA ASP E 67 8.72 -9.30 -28.43
C ASP E 67 8.08 -10.65 -28.06
N ASN E 68 8.32 -11.66 -28.90
CA ASN E 68 7.88 -13.05 -28.62
C ASN E 68 8.93 -13.86 -27.86
N ARG E 69 10.11 -13.27 -27.65
CA ARG E 69 11.11 -13.79 -26.69
C ARG E 69 10.25 -13.87 -25.41
N SER E 70 10.03 -15.09 -24.95
CA SER E 70 8.99 -15.35 -23.96
C SER E 70 9.60 -15.63 -22.58
N ALA E 71 9.12 -14.87 -21.59
CA ALA E 71 9.25 -15.17 -20.15
C ALA E 71 10.60 -14.83 -19.51
N GLU E 72 11.67 -15.57 -19.84
CA GLU E 72 12.94 -15.52 -19.10
C GLU E 72 14.12 -14.87 -19.83
N ALA E 73 14.09 -14.89 -21.16
CA ALA E 73 15.10 -14.19 -21.96
C ALA E 73 15.00 -12.65 -21.87
N ILE E 74 13.85 -12.18 -21.51
CA ILE E 74 13.66 -10.76 -21.35
C ILE E 74 14.49 -10.27 -20.20
N LEU E 75 14.59 -11.09 -19.21
CA LEU E 75 15.38 -10.79 -18.02
C LEU E 75 16.91 -10.83 -18.23
N GLY E 76 17.34 -11.00 -19.49
CA GLY E 76 18.74 -11.26 -19.82
C GLY E 76 19.30 -12.59 -19.33
N TYR E 77 18.44 -13.60 -19.21
CA TYR E 77 18.81 -14.88 -18.55
C TYR E 77 18.62 -16.13 -19.41
N ASP E 78 18.96 -16.04 -20.70
CA ASP E 78 19.03 -17.25 -21.54
C ASP E 78 20.47 -17.69 -21.85
N GLU E 79 21.46 -16.84 -21.55
CA GLU E 79 22.90 -17.12 -21.80
C GLU E 79 23.21 -17.75 -23.16
N ASP F 51 -44.46 2.23 -1.93
CA ASP F 51 -43.50 1.10 -1.85
C ASP F 51 -43.45 0.50 -0.45
N GLU F 52 -42.65 -0.55 -0.31
CA GLU F 52 -42.19 -1.00 1.01
C GLU F 52 -41.29 0.04 1.70
N LEU F 53 -40.84 1.04 0.96
CA LEU F 53 -40.13 2.12 1.58
C LEU F 53 -41.04 2.87 2.48
N ALA F 54 -42.05 3.47 1.92
CA ALA F 54 -43.13 4.04 2.72
C ALA F 54 -43.50 3.11 3.89
N ALA F 55 -43.60 1.80 3.63
CA ALA F 55 -43.89 0.82 4.68
C ALA F 55 -42.79 0.75 5.75
N ILE F 56 -41.55 0.50 5.31
CA ILE F 56 -40.35 0.46 6.18
C ILE F 56 -40.21 1.71 7.05
N ARG F 57 -40.52 2.88 6.51
CA ARG F 57 -40.54 4.14 7.30
C ARG F 57 -41.50 4.06 8.49
N HIS F 58 -42.75 3.63 8.26
CA HIS F 58 -43.80 3.66 9.33
C HIS F 58 -43.35 2.87 10.54
N ARG F 59 -42.87 1.66 10.28
CA ARG F 59 -42.37 0.76 11.33
C ARG F 59 -41.33 1.44 12.23
N CYS F 60 -40.35 2.10 11.61
CA CYS F 60 -39.13 2.54 12.29
C CYS F 60 -39.36 3.73 13.22
N ALA F 61 -40.06 4.74 12.73
CA ALA F 61 -40.36 5.93 13.53
C ALA F 61 -41.20 5.64 14.80
N ALA F 62 -42.04 4.59 14.77
CA ALA F 62 -42.83 4.18 15.96
C ALA F 62 -42.01 3.53 17.09
N LEU F 63 -40.82 3.03 16.77
CA LEU F 63 -40.01 2.33 17.78
C LEU F 63 -39.60 3.28 18.90
N PRO F 64 -39.47 2.77 20.12
CA PRO F 64 -39.12 3.63 21.24
C PRO F 64 -37.69 4.18 21.13
N VAL F 65 -37.51 5.38 21.68
CA VAL F 65 -36.29 6.15 21.62
C VAL F 65 -35.36 5.77 22.78
N VAL F 66 -34.15 5.32 22.45
CA VAL F 66 -33.14 4.98 23.45
C VAL F 66 -32.13 6.14 23.66
N ASP F 67 -31.76 6.83 22.58
CA ASP F 67 -30.83 7.97 22.63
C ASP F 67 -31.41 9.16 21.85
N ASN F 68 -30.93 10.36 22.15
CA ASN F 68 -31.52 11.60 21.61
C ASN F 68 -30.70 12.33 20.55
N ARG F 69 -29.57 12.93 20.93
CA ARG F 69 -28.88 13.95 20.10
C ARG F 69 -27.84 13.43 19.07
N SER F 70 -27.99 13.87 17.82
CA SER F 70 -27.30 13.27 16.66
C SER F 70 -25.77 13.36 16.68
N ALA F 71 -25.20 14.36 17.36
CA ALA F 71 -23.76 14.41 17.64
C ALA F 71 -23.47 13.89 19.06
N GLU F 72 -23.94 12.67 19.33
CA GLU F 72 -23.63 11.95 20.57
C GLU F 72 -22.14 11.58 20.68
N ALA F 73 -21.44 11.50 19.53
CA ALA F 73 -20.04 11.08 19.46
C ALA F 73 -19.08 12.26 19.58
N ILE F 74 -19.03 13.06 18.54
CA ILE F 74 -18.10 14.12 18.50
C ILE F 74 -18.97 15.18 19.01
N ARG G 50 12.97 8.09 8.78
CA ARG G 50 14.18 7.64 9.51
C ARG G 50 14.58 8.74 10.52
N ASP G 51 15.23 9.80 10.04
CA ASP G 51 15.37 11.07 10.77
C ASP G 51 14.69 12.26 10.04
N GLU G 52 14.25 12.08 8.79
CA GLU G 52 13.41 13.09 8.14
C GLU G 52 12.04 13.20 8.81
N LEU G 53 11.58 12.11 9.42
CA LEU G 53 10.29 12.11 10.11
C LEU G 53 10.25 13.20 11.20
N ALA G 54 11.33 13.33 11.96
CA ALA G 54 11.52 14.47 12.88
C ALA G 54 11.69 15.80 12.14
N ALA G 55 12.42 15.77 11.03
CA ALA G 55 12.57 16.96 10.18
C ALA G 55 11.22 17.57 9.78
N ILE G 56 10.29 16.72 9.30
CA ILE G 56 8.90 17.15 8.99
C ILE G 56 8.17 17.64 10.25
N ARG G 57 8.38 16.95 11.38
CA ARG G 57 7.79 17.36 12.66
C ARG G 57 8.25 18.77 13.09
N HIS G 58 9.56 19.01 13.07
CA HIS G 58 10.09 20.33 13.48
C HIS G 58 9.53 21.44 12.61
N ARG G 59 9.52 21.21 11.29
CA ARG G 59 8.93 22.18 10.36
C ARG G 59 7.45 22.37 10.61
N CYS G 60 6.68 21.29 10.59
CA CYS G 60 5.21 21.39 10.67
C CYS G 60 4.68 22.05 11.93
N ALA G 61 5.34 21.77 13.05
CA ALA G 61 4.95 22.29 14.33
C ALA G 61 5.38 23.73 14.58
N ALA G 62 6.32 24.27 13.80
CA ALA G 62 6.71 25.69 13.86
C ALA G 62 5.82 26.64 13.02
N LEU G 63 4.94 26.11 12.16
CA LEU G 63 4.13 26.93 11.23
C LEU G 63 3.14 27.83 11.98
N PRO G 64 2.85 29.03 11.45
CA PRO G 64 1.88 29.88 12.13
C PRO G 64 0.52 29.17 12.34
N VAL G 65 0.03 29.18 13.58
CA VAL G 65 -1.28 28.65 13.93
C VAL G 65 -2.34 29.64 13.47
N VAL G 66 -3.38 29.14 12.79
CA VAL G 66 -4.51 29.95 12.29
C VAL G 66 -5.84 29.63 12.98
N ASP G 67 -6.13 28.33 13.16
CA ASP G 67 -7.33 27.82 13.86
C ASP G 67 -6.84 26.91 14.99
N ASN G 68 -7.75 26.34 15.80
CA ASN G 68 -7.36 25.61 17.06
C ASN G 68 -8.20 24.39 17.51
N ARG G 69 -9.43 24.62 17.96
CA ARG G 69 -10.18 23.67 18.84
C ARG G 69 -10.41 22.21 18.37
N SER G 70 -10.30 21.94 17.06
CA SER G 70 -10.39 20.59 16.45
C SER G 70 -11.79 20.00 16.25
N ALA G 71 -12.79 20.52 16.97
CA ALA G 71 -14.08 19.88 17.04
C ALA G 71 -15.09 20.64 16.17
N GLU G 72 -15.78 19.88 15.32
CA GLU G 72 -16.98 20.36 14.62
C GLU G 72 -18.14 19.42 14.99
N ALA G 73 -17.98 18.12 14.67
CA ALA G 73 -18.97 17.02 14.80
C ALA G 73 -19.55 16.55 13.46
N PRO H 48 42.96 -2.75 10.05
CA PRO H 48 42.98 -1.53 9.25
C PRO H 48 42.02 -1.49 8.04
N LEU H 49 40.90 -2.20 8.14
CA LEU H 49 39.90 -2.38 7.06
C LEU H 49 40.36 -3.24 5.84
N ARG H 50 41.46 -2.86 5.19
CA ARG H 50 42.03 -3.61 4.06
C ARG H 50 42.41 -5.05 4.44
N ASP H 51 43.01 -5.19 5.62
CA ASP H 51 43.43 -6.49 6.15
C ASP H 51 42.24 -7.43 6.30
N GLU H 52 41.16 -6.89 6.82
CA GLU H 52 39.99 -7.68 7.19
C GLU H 52 39.33 -8.24 5.93
N LEU H 53 39.20 -7.40 4.89
CA LEU H 53 38.47 -7.80 3.67
C LEU H 53 39.32 -8.73 2.81
N ALA H 54 40.64 -8.64 2.97
CA ALA H 54 41.57 -9.67 2.48
C ALA H 54 41.47 -10.94 3.31
N ALA H 55 41.46 -10.80 4.63
CA ALA H 55 41.33 -11.97 5.52
C ALA H 55 40.03 -12.69 5.22
N ILE H 56 38.93 -11.94 5.22
CA ILE H 56 37.61 -12.48 4.83
C ILE H 56 37.67 -13.11 3.42
N ARG H 57 38.22 -12.38 2.44
CA ARG H 57 38.33 -12.88 1.05
C ARG H 57 39.14 -14.17 0.96
N HIS H 58 40.36 -14.14 1.51
CA HIS H 58 41.20 -15.34 1.54
C HIS H 58 40.47 -16.45 2.29
N ARG H 59 39.97 -16.13 3.48
CA ARG H 59 39.28 -17.09 4.33
C ARG H 59 38.02 -17.64 3.69
N CYS H 60 37.24 -16.77 3.02
CA CYS H 60 36.04 -17.19 2.26
C CYS H 60 36.37 -17.90 0.97
N ALA H 61 37.35 -17.40 0.24
CA ALA H 61 37.78 -18.02 -1.02
C ALA H 61 38.26 -19.47 -0.81
N ALA H 62 38.94 -19.74 0.32
CA ALA H 62 39.48 -21.08 0.61
C ALA H 62 38.44 -22.14 1.03
N LEU H 63 37.16 -21.75 1.17
CA LEU H 63 36.08 -22.73 1.39
C LEU H 63 35.97 -23.69 0.23
N PRO H 64 35.50 -24.93 0.48
CA PRO H 64 35.27 -25.84 -0.64
C PRO H 64 34.06 -25.43 -1.44
N VAL H 65 34.15 -25.64 -2.75
CA VAL H 65 33.10 -25.27 -3.70
C VAL H 65 32.05 -26.37 -3.73
N VAL H 66 30.90 -26.13 -3.10
CA VAL H 66 29.83 -27.16 -3.01
C VAL H 66 28.94 -27.21 -4.26
N ASP H 67 28.79 -26.05 -4.92
CA ASP H 67 28.22 -25.99 -6.28
C ASP H 67 29.06 -25.01 -7.11
N ASN H 68 29.49 -25.44 -8.29
CA ASN H 68 30.29 -24.57 -9.18
C ASN H 68 29.53 -24.11 -10.42
N ARG H 69 28.20 -24.31 -10.45
CA ARG H 69 27.36 -23.88 -11.59
C ARG H 69 27.39 -22.37 -11.75
N SER H 70 26.98 -21.90 -12.93
CA SER H 70 26.98 -20.47 -13.22
C SER H 70 26.02 -19.71 -12.31
N ALA H 71 26.45 -18.53 -11.86
CA ALA H 71 25.61 -17.58 -11.10
C ALA H 71 24.16 -17.56 -11.61
N GLU H 72 24.01 -17.36 -12.92
CA GLU H 72 22.68 -17.28 -13.53
C GLU H 72 21.85 -18.51 -13.11
N ALA H 73 22.40 -19.71 -13.36
CA ALA H 73 21.68 -20.98 -13.16
C ALA H 73 21.23 -21.30 -11.72
N ILE H 74 22.03 -20.91 -10.73
CA ILE H 74 21.67 -21.17 -9.33
C ILE H 74 20.61 -20.19 -8.79
N LEU H 75 20.42 -19.08 -9.50
CA LEU H 75 19.31 -18.15 -9.24
C LEU H 75 17.99 -18.63 -9.87
N GLY H 76 17.98 -19.86 -10.42
CA GLY H 76 16.75 -20.50 -10.90
C GLY H 76 16.46 -20.25 -12.35
N TYR H 77 17.42 -19.63 -13.05
CA TYR H 77 17.21 -19.14 -14.41
C TYR H 77 17.97 -20.01 -15.39
N ASP H 78 17.66 -21.31 -15.33
CA ASP H 78 18.21 -22.29 -16.26
C ASP H 78 17.39 -23.60 -16.22
N GLU H 79 16.27 -23.60 -16.94
CA GLU H 79 15.44 -24.77 -17.11
C GLU H 79 15.22 -24.94 -18.60
MG MG I . 8.08 -14.07 -9.33
MG MG J . 23.77 -7.35 -10.65
#